data_3FMG
#
_entry.id   3FMG
#
_cell.length_a   244.179
_cell.length_b   244.179
_cell.length_c   244.179
_cell.angle_alpha   90.00
_cell.angle_beta   90.00
_cell.angle_gamma   90.00
#
_symmetry.space_group_name_H-M   'P 41 3 2'
#
loop_
_entity.id
_entity.type
_entity.pdbx_description
1 polymer 'Fab of neutralizing antibody 4F8, light chain'
2 polymer 'Fab of neutralizing antibody 4F8, heavy chain'
3 polymer 'Glycoprotein VP7'
4 non-polymer 'CALCIUM ION'
#
loop_
_entity_poly.entity_id
_entity_poly.type
_entity_poly.pdbx_seq_one_letter_code
_entity_poly.pdbx_strand_id
1 'polypeptide(L)'
;DIQMTQSPASLSASVGETVTITCRPSENIYSYLAWYQQKQGKSPQLLVYKAKTLPEGVPSRFSGSGSGTHFSLKISSVQP
EDFGTYYCQHHNGPPLTFGAGTKLELKRADAAPTVSIFPPSSKQLTSGGASVVCFLNNFYPKDINVKWKIDGSERQNGVL
NSWTDQDSKDSTYSMSSTLTLTKDEYERHNSYTCEATHKTSTSPIVKSFNR
;
L
2 'polypeptide(L)'
;QVQLQQSGAELMKPGALVKISCKATGYTFSSYWIEWVKQRPGHGLEWIGEILPGSGSINYNEKFKGKATFTADTSSNTAY
MQLNSLTSEDSAVYYCARNHGSPDFHVMDYWGQGTSITVSSAKTTAPPVYPLAPGSAAQTNSMVTLGCLVKGYFPEPVTV
TWNSGSLSSGVHTFPAVLQSDLYTLSSSVTVPSSPRPSETVTCNVAHPASSTKVDKKIVPR
;
H
3 'polypeptide(L)'
;QNYGINLPITGSMDTAYANSTQEETFLTSTLCLYYPTEAATEINDNSWKDTLSQLFLTKGWPTGSVYFKEYTDIASFSVD
PQLYCDYNVVLMKYDATLQLDMSELADLILNEWLCNPMDITLYYYQQTDEANKWISMGSSCTIKVCPLNTQTLGIGCLTT
DTATFEEVATAEKLVITDVVDGVNHKLDVTTATCTIRNCKKLGPRENVAVIQVGGSDVLDITADPTTAPQTERMMRINWK
KWWQVFYTVVDYVNQIIQAMSKRSRSLNSAAFYYRI
;
A
#
# COMPACT_ATOMS: atom_id res chain seq x y z
N ASP A 1 0.13 19.89 -2.70
CA ASP A 1 0.88 18.69 -2.95
C ASP A 1 2.38 19.01 -3.17
N ILE A 2 3.35 18.52 -2.34
CA ILE A 2 4.68 19.04 -2.55
C ILE A 2 5.26 18.33 -3.76
N GLN A 3 5.79 19.07 -4.72
CA GLN A 3 6.34 18.46 -5.92
C GLN A 3 7.86 18.39 -5.88
N MET A 4 8.41 17.19 -5.88
CA MET A 4 9.87 17.05 -5.85
C MET A 4 10.39 17.17 -7.28
N THR A 5 11.45 17.94 -7.49
CA THR A 5 12.01 18.08 -8.85
C THR A 5 13.45 17.59 -8.98
N GLN A 6 13.60 16.33 -9.39
CA GLN A 6 14.92 15.75 -9.54
C GLN A 6 15.61 16.02 -10.85
N SER A 7 16.88 16.41 -10.79
CA SER A 7 17.66 16.70 -11.99
C SER A 7 19.12 16.29 -11.81
N PRO A 8 19.77 15.75 -12.85
CA PRO A 8 19.24 15.49 -14.20
C PRO A 8 18.47 14.19 -14.21
N ALA A 9 17.62 14.01 -15.21
CA ALA A 9 16.82 12.80 -15.32
C ALA A 9 17.74 11.62 -15.55
N SER A 10 18.89 11.92 -16.17
CA SER A 10 19.91 10.91 -16.45
C SER A 10 21.27 11.54 -16.32
N LEU A 11 22.19 10.80 -15.72
CA LEU A 11 23.55 11.26 -15.52
C LEU A 11 24.48 10.18 -16.05
N SER A 12 25.66 10.57 -16.54
CA SER A 12 26.59 9.58 -17.08
C SER A 12 28.04 9.86 -16.69
N ALA A 13 28.67 8.90 -16.00
CA ALA A 13 30.06 9.05 -15.58
C ALA A 13 30.77 7.73 -15.33
N SER A 14 32.09 7.78 -15.28
CA SER A 14 32.93 6.60 -15.06
C SER A 14 33.41 6.60 -13.62
N VAL A 15 33.87 5.45 -13.15
CA VAL A 15 34.38 5.30 -11.78
C VAL A 15 35.37 6.40 -11.40
N GLY A 16 35.41 6.73 -10.11
CA GLY A 16 36.34 7.75 -9.62
C GLY A 16 35.82 9.18 -9.70
N GLU A 17 35.01 9.46 -10.71
CA GLU A 17 34.46 10.80 -10.92
C GLU A 17 33.49 11.18 -9.80
N THR A 18 33.22 12.48 -9.67
CA THR A 18 32.32 13.01 -8.65
C THR A 18 31.04 13.64 -9.23
N VAL A 19 29.92 12.94 -9.09
CA VAL A 19 28.63 13.43 -9.60
C VAL A 19 27.81 14.17 -8.52
N THR A 20 26.71 14.81 -8.93
CA THR A 20 25.84 15.54 -8.01
C THR A 20 24.38 15.61 -8.44
N ILE A 21 23.55 14.75 -7.88
CA ILE A 21 22.13 14.80 -8.21
C ILE A 21 21.52 15.93 -7.38
N THR A 22 20.40 16.49 -7.84
CA THR A 22 19.78 17.58 -7.11
C THR A 22 18.23 17.63 -7.14
N CYS A 23 17.65 17.64 -5.94
CA CYS A 23 16.21 17.66 -5.67
C CYS A 23 15.81 19.08 -5.31
N ARG A 24 14.67 19.51 -5.82
CA ARG A 24 14.18 20.87 -5.57
C ARG A 24 12.67 20.82 -5.40
N PRO A 25 12.21 20.92 -4.14
CA PRO A 25 10.79 20.89 -3.81
C PRO A 25 10.02 22.18 -4.13
N SER A 26 8.73 22.03 -4.41
CA SER A 26 7.84 23.13 -4.77
C SER A 26 7.59 24.08 -3.61
N GLU A 27 7.51 23.51 -2.41
CA GLU A 27 7.28 24.25 -1.19
C GLU A 27 8.54 24.19 -0.34
N ASN A 28 8.39 24.51 0.95
CA ASN A 28 9.54 24.46 1.83
C ASN A 28 9.56 23.19 2.68
N ILE A 29 10.41 22.25 2.31
CA ILE A 29 10.60 21.04 3.10
C ILE A 29 11.67 21.58 4.00
N TYR A 30 11.43 21.71 5.29
CA TYR A 30 12.48 22.31 6.10
C TYR A 30 13.86 21.72 5.90
N SER A 31 14.02 20.44 6.24
CA SER A 31 15.30 19.78 6.06
C SER A 31 14.96 18.32 6.11
N TYR A 32 13.67 18.08 5.91
CA TYR A 32 13.12 16.74 5.92
C TYR A 32 13.13 16.09 4.54
N LEU A 33 14.33 15.88 4.00
CA LEU A 33 14.50 15.25 2.70
C LEU A 33 15.30 13.96 2.85
N ALA A 34 14.99 12.95 2.04
CA ALA A 34 15.71 11.69 2.11
C ALA A 34 16.20 11.32 0.72
N TRP A 35 17.08 10.34 0.65
CA TRP A 35 17.62 9.89 -0.61
C TRP A 35 17.68 8.38 -0.61
N TYR A 36 17.02 7.73 -1.56
CA TYR A 36 17.08 6.28 -1.61
C TYR A 36 17.76 5.88 -2.91
N GLN A 37 18.43 4.74 -2.91
CA GLN A 37 19.10 4.26 -4.12
C GLN A 37 18.47 2.93 -4.47
N GLN A 38 18.06 2.76 -5.72
CA GLN A 38 17.45 1.51 -6.13
C GLN A 38 18.29 0.90 -7.24
N LYS A 39 18.66 -0.36 -7.08
CA LYS A 39 19.46 -1.02 -8.09
C LYS A 39 18.65 -1.94 -8.97
N GLN A 40 19.10 -2.05 -10.22
CA GLN A 40 18.46 -2.85 -11.25
C GLN A 40 17.76 -4.09 -10.70
N GLY A 41 16.43 -4.11 -10.84
CA GLY A 41 15.65 -5.27 -10.39
C GLY A 41 15.56 -5.60 -8.90
N LYS A 42 15.66 -4.58 -8.05
CA LYS A 42 15.59 -4.81 -6.62
C LYS A 42 14.69 -3.76 -5.95
N SER A 43 14.91 -3.52 -4.67
CA SER A 43 14.12 -2.54 -3.92
C SER A 43 14.94 -1.33 -3.57
N PRO A 44 14.29 -0.27 -3.11
CA PRO A 44 15.04 0.94 -2.75
C PRO A 44 15.78 0.69 -1.44
N GLN A 45 16.77 1.53 -1.13
CA GLN A 45 17.52 1.40 0.11
C GLN A 45 17.81 2.77 0.70
N LEU A 46 17.29 3.05 1.90
CA LEU A 46 17.54 4.35 2.51
C LEU A 46 19.03 4.61 2.41
N LEU A 47 19.40 5.82 2.02
CA LEU A 47 20.79 6.17 1.83
C LEU A 47 21.16 7.46 2.56
N VAL A 48 20.16 8.32 2.82
CA VAL A 48 20.38 9.58 3.54
C VAL A 48 19.06 10.17 4.06
N TYR A 49 19.04 10.62 5.31
CA TYR A 49 17.83 11.24 5.84
C TYR A 49 18.07 12.64 6.42
N LYS A 50 17.01 13.28 6.89
CA LYS A 50 17.05 14.65 7.40
C LYS A 50 18.10 15.50 6.69
N ALA A 51 18.08 15.43 5.37
CA ALA A 51 18.98 16.20 4.50
C ALA A 51 20.46 15.81 4.43
N LYS A 52 21.15 15.78 5.57
CA LYS A 52 22.58 15.46 5.57
C LYS A 52 23.02 14.20 6.33
N THR A 53 22.17 13.66 7.19
CA THR A 53 22.50 12.48 7.97
C THR A 53 22.42 11.17 7.19
N LEU A 54 23.42 10.29 7.36
CA LEU A 54 23.41 9.00 6.66
C LEU A 54 23.10 7.87 7.64
N PRO A 55 22.38 6.83 7.18
CA PRO A 55 22.10 5.74 8.12
C PRO A 55 23.44 5.09 8.50
N GLU A 56 23.43 3.92 9.10
CA GLU A 56 24.70 3.33 9.51
C GLU A 56 25.56 2.66 8.44
N GLY A 57 25.09 1.56 7.88
CA GLY A 57 25.87 0.87 6.85
C GLY A 57 26.47 1.74 5.76
N VAL A 58 25.61 2.52 5.11
CA VAL A 58 25.96 3.42 4.01
C VAL A 58 27.37 4.03 4.05
N PRO A 59 28.08 3.96 2.90
CA PRO A 59 29.45 4.51 2.78
C PRO A 59 29.46 5.99 3.13
N SER A 60 30.61 6.64 2.98
CA SER A 60 30.67 8.04 3.31
C SER A 60 31.04 8.94 2.13
N ARG A 61 31.19 8.36 0.94
CA ARG A 61 31.49 9.21 -0.20
C ARG A 61 30.14 9.80 -0.61
N PHE A 62 29.08 9.30 0.01
CA PHE A 62 27.72 9.79 -0.24
C PHE A 62 27.50 11.00 0.67
N SER A 63 27.28 12.16 0.06
CA SER A 63 27.10 13.37 0.85
C SER A 63 25.84 14.18 0.59
N GLY A 64 24.95 14.21 1.58
CA GLY A 64 23.71 14.98 1.46
C GLY A 64 23.92 16.39 1.98
N SER A 65 23.19 17.36 1.42
CA SER A 65 23.31 18.74 1.84
C SER A 65 22.11 19.57 1.44
N GLY A 66 22.06 20.81 1.94
CA GLY A 66 20.96 21.69 1.61
C GLY A 66 19.85 21.82 2.65
N SER A 67 18.86 22.64 2.31
CA SER A 67 17.74 22.90 3.19
C SER A 67 16.75 23.84 2.50
N GLY A 68 15.49 23.79 2.90
CA GLY A 68 14.50 24.67 2.31
C GLY A 68 13.92 24.22 0.99
N THR A 69 14.36 24.84 -0.11
CA THR A 69 13.82 24.49 -1.41
C THR A 69 14.88 23.92 -2.35
N HIS A 70 16.12 23.86 -1.86
CA HIS A 70 17.25 23.34 -2.63
C HIS A 70 18.00 22.28 -1.85
N PHE A 71 18.14 21.09 -2.44
CA PHE A 71 18.86 19.99 -1.80
C PHE A 71 19.73 19.27 -2.84
N SER A 72 20.82 18.65 -2.41
CA SER A 72 21.70 17.92 -3.32
C SER A 72 22.38 16.71 -2.70
N LEU A 73 22.62 15.70 -3.52
CA LEU A 73 23.28 14.46 -3.10
C LEU A 73 24.64 14.55 -3.79
N LYS A 74 25.67 13.89 -3.25
CA LYS A 74 26.98 14.02 -3.90
C LYS A 74 27.92 12.82 -3.82
N ILE A 75 27.56 11.75 -4.53
CA ILE A 75 28.38 10.55 -4.59
C ILE A 75 29.76 11.06 -5.02
N SER A 76 30.82 10.76 -4.28
CA SER A 76 32.14 11.27 -4.67
C SER A 76 33.04 10.35 -5.50
N SER A 77 33.73 9.41 -4.86
CA SER A 77 34.61 8.54 -5.64
C SER A 77 33.82 7.35 -6.19
N VAL A 78 32.83 7.66 -7.04
CA VAL A 78 31.96 6.67 -7.65
C VAL A 78 32.69 5.37 -7.98
N GLN A 79 32.22 4.27 -7.40
CA GLN A 79 32.79 2.93 -7.63
C GLN A 79 31.69 2.14 -8.33
N PRO A 80 32.04 1.08 -9.08
CA PRO A 80 31.08 0.24 -9.82
C PRO A 80 29.78 -0.17 -9.10
N GLU A 81 29.77 -0.04 -7.79
CA GLU A 81 28.63 -0.41 -6.96
C GLU A 81 27.61 0.74 -6.79
N ASP A 82 27.94 1.92 -7.31
CA ASP A 82 27.05 3.05 -7.15
C ASP A 82 26.25 3.38 -8.42
N PHE A 83 26.03 2.38 -9.26
CA PHE A 83 25.30 2.63 -10.49
C PHE A 83 23.88 2.08 -10.51
N GLY A 84 22.92 2.99 -10.68
CA GLY A 84 21.51 2.62 -10.71
C GLY A 84 20.67 3.87 -10.58
N THR A 85 19.43 3.70 -10.14
CA THR A 85 18.50 4.82 -9.98
C THR A 85 18.54 5.44 -8.58
N TYR A 86 18.34 6.76 -8.50
CA TYR A 86 18.34 7.48 -7.23
C TYR A 86 17.09 8.32 -7.07
N TYR A 87 16.37 8.15 -5.97
CA TYR A 87 15.18 8.94 -5.74
C TYR A 87 15.37 9.85 -4.54
N CYS A 88 14.50 10.86 -4.42
CA CYS A 88 14.54 11.75 -3.28
C CYS A 88 13.11 11.89 -2.82
N GLN A 89 12.90 11.94 -1.50
CA GLN A 89 11.56 12.08 -0.96
C GLN A 89 11.60 12.99 0.24
N HIS A 90 10.54 13.77 0.43
CA HIS A 90 10.50 14.63 1.59
C HIS A 90 9.82 13.80 2.66
N HIS A 91 10.13 14.08 3.92
CA HIS A 91 9.48 13.34 4.98
C HIS A 91 8.94 14.32 5.98
N ASN A 92 8.28 15.35 5.45
CA ASN A 92 7.69 16.36 6.30
C ASN A 92 6.19 16.18 6.46
N GLY A 93 5.74 14.94 6.63
CA GLY A 93 4.32 14.70 6.81
C GLY A 93 3.60 14.32 5.53
N PRO A 94 2.47 13.59 5.62
CA PRO A 94 1.68 13.15 4.48
C PRO A 94 0.92 14.27 3.76
N PRO A 95 0.71 14.12 2.43
CA PRO A 95 1.14 12.98 1.62
C PRO A 95 2.58 13.09 1.11
N LEU A 96 3.32 12.00 1.27
CA LEU A 96 4.71 11.94 0.84
C LEU A 96 4.79 11.88 -0.67
N THR A 97 5.76 12.57 -1.25
CA THR A 97 5.93 12.55 -2.69
C THR A 97 7.41 12.28 -2.98
N PHE A 98 7.68 11.49 -4.02
CA PHE A 98 9.06 11.17 -4.37
C PHE A 98 9.54 11.97 -5.57
N GLY A 99 10.83 11.86 -5.88
CA GLY A 99 11.36 12.56 -7.02
C GLY A 99 11.00 11.76 -8.26
N ALA A 100 11.49 12.22 -9.40
CA ALA A 100 11.25 11.55 -10.65
C ALA A 100 12.25 10.42 -10.73
N GLY A 101 13.47 10.70 -10.28
CA GLY A 101 14.54 9.72 -10.31
C GLY A 101 15.66 10.17 -11.22
N THR A 102 16.88 9.77 -10.90
CA THR A 102 18.06 10.09 -11.69
C THR A 102 18.72 8.76 -11.99
N LYS A 103 19.03 8.49 -13.25
CA LYS A 103 19.66 7.22 -13.56
C LYS A 103 21.13 7.45 -13.83
N LEU A 104 21.98 6.86 -13.01
CA LEU A 104 23.42 7.01 -13.16
C LEU A 104 23.95 5.87 -14.02
N GLU A 105 24.51 6.21 -15.19
CA GLU A 105 25.03 5.24 -16.14
C GLU A 105 26.56 5.18 -16.14
N LEU A 106 27.10 4.06 -16.61
CA LEU A 106 28.55 3.85 -16.67
C LEU A 106 29.04 4.39 -17.99
N LYS A 107 29.88 5.44 -17.92
CA LYS A 107 30.41 6.05 -19.13
C LYS A 107 31.33 5.10 -19.87
N ARG A 108 31.70 5.45 -21.09
CA ARG A 108 32.56 4.61 -21.92
C ARG A 108 32.70 5.11 -23.35
N ALA A 109 33.70 4.61 -24.06
CA ALA A 109 33.95 4.99 -25.45
C ALA A 109 32.77 4.65 -26.34
N ASP A 110 32.41 5.59 -27.23
CA ASP A 110 31.28 5.41 -28.15
C ASP A 110 31.33 4.09 -28.92
N ALA A 111 30.18 3.67 -29.43
CA ALA A 111 30.10 2.44 -30.20
C ALA A 111 28.96 2.50 -31.21
N ALA A 112 29.22 2.02 -32.42
CA ALA A 112 28.23 2.01 -33.49
C ALA A 112 27.43 0.71 -33.50
N PRO A 113 26.11 0.82 -33.70
CA PRO A 113 25.18 -0.32 -33.75
C PRO A 113 25.38 -1.25 -34.93
N THR A 114 25.49 -2.54 -34.65
CA THR A 114 25.65 -3.51 -35.71
C THR A 114 24.26 -4.11 -35.97
N VAL A 115 23.49 -3.39 -36.77
CA VAL A 115 22.13 -3.78 -37.12
C VAL A 115 22.02 -4.92 -38.15
N SER A 116 21.04 -5.79 -37.94
CA SER A 116 20.78 -6.93 -38.81
C SER A 116 19.28 -7.00 -39.09
N ILE A 117 18.90 -6.97 -40.37
CA ILE A 117 17.48 -7.03 -40.76
C ILE A 117 17.06 -8.49 -40.98
N PHE A 118 15.83 -8.85 -40.60
CA PHE A 118 15.35 -10.23 -40.74
C PHE A 118 13.95 -10.33 -41.33
N PRO A 119 13.80 -10.97 -42.50
CA PRO A 119 12.48 -11.12 -43.12
C PRO A 119 11.66 -12.20 -42.42
N PRO A 120 10.33 -12.21 -42.62
CA PRO A 120 9.41 -13.16 -42.03
C PRO A 120 9.83 -14.64 -42.15
N SER A 121 9.18 -15.50 -41.38
CA SER A 121 9.48 -16.93 -41.39
C SER A 121 8.47 -17.64 -42.28
N SER A 122 8.88 -18.74 -42.90
CA SER A 122 7.96 -19.49 -43.74
C SER A 122 6.85 -19.93 -42.79
N LYS A 123 7.28 -20.28 -41.59
CA LYS A 123 6.38 -20.73 -40.53
C LYS A 123 5.28 -19.70 -40.35
N GLN A 124 5.69 -18.45 -40.12
CA GLN A 124 4.78 -17.34 -39.91
C GLN A 124 3.89 -17.03 -41.11
N LEU A 125 4.48 -16.99 -42.30
CA LEU A 125 3.72 -16.69 -43.50
C LEU A 125 2.64 -17.75 -43.74
N THR A 126 2.79 -18.91 -43.09
CA THR A 126 1.82 -20.00 -43.20
C THR A 126 0.64 -19.74 -42.26
N SER A 127 0.89 -18.90 -41.26
CA SER A 127 -0.14 -18.54 -40.28
C SER A 127 -1.16 -17.64 -40.96
N GLY A 128 -0.68 -16.51 -41.48
CA GLY A 128 -1.54 -15.56 -42.16
C GLY A 128 -1.05 -14.12 -42.10
N GLY A 129 0.11 -13.92 -41.46
CA GLY A 129 0.65 -12.59 -41.35
C GLY A 129 2.17 -12.58 -41.27
N ALA A 130 2.79 -11.55 -41.83
CA ALA A 130 4.25 -11.44 -41.83
C ALA A 130 4.72 -10.44 -40.78
N SER A 131 5.96 -10.62 -40.33
CA SER A 131 6.55 -9.75 -39.32
C SER A 131 8.06 -9.60 -39.57
N VAL A 132 8.50 -8.36 -39.77
CA VAL A 132 9.92 -8.10 -40.02
C VAL A 132 10.63 -7.61 -38.78
N VAL A 133 11.69 -8.34 -38.39
CA VAL A 133 12.48 -8.00 -37.22
C VAL A 133 13.77 -7.27 -37.62
N CYS A 134 14.35 -6.53 -36.67
CA CYS A 134 15.57 -5.79 -36.95
C CYS A 134 16.30 -5.55 -35.62
N PHE A 135 17.51 -6.06 -35.49
CA PHE A 135 18.31 -5.91 -34.26
C PHE A 135 19.41 -4.88 -34.39
N LEU A 136 19.52 -3.99 -33.41
CA LEU A 136 20.57 -2.97 -33.42
C LEU A 136 21.35 -3.23 -32.14
N ASN A 137 22.29 -4.18 -32.23
CA ASN A 137 23.11 -4.60 -31.08
C ASN A 137 24.34 -3.78 -30.69
N ASN A 138 24.63 -3.78 -29.39
CA ASN A 138 25.78 -3.11 -28.79
C ASN A 138 26.20 -1.75 -29.33
N PHE A 139 25.53 -0.70 -28.87
CA PHE A 139 25.86 0.68 -29.25
C PHE A 139 26.04 1.43 -27.94
N TYR A 140 26.86 2.49 -27.88
CA TYR A 140 26.96 3.09 -26.53
C TYR A 140 26.00 4.24 -26.23
N PRO A 141 26.25 5.50 -26.65
CA PRO A 141 25.28 6.50 -26.21
C PRO A 141 23.87 5.93 -26.25
N LYS A 142 23.28 5.75 -25.06
CA LYS A 142 21.95 5.15 -24.90
C LYS A 142 20.95 5.42 -26.01
N ASP A 143 20.86 6.70 -26.42
CA ASP A 143 19.94 7.18 -27.45
C ASP A 143 20.13 6.67 -28.86
N ILE A 144 19.05 6.14 -29.43
CA ILE A 144 19.06 5.63 -30.80
C ILE A 144 17.63 5.68 -31.32
N ASN A 145 17.46 5.96 -32.61
CA ASN A 145 16.12 6.01 -33.20
C ASN A 145 16.03 5.16 -34.46
N VAL A 146 14.84 4.61 -34.72
CA VAL A 146 14.62 3.78 -35.90
C VAL A 146 13.39 4.13 -36.72
N LYS A 147 13.58 4.18 -38.04
CA LYS A 147 12.52 4.46 -39.01
C LYS A 147 12.26 3.16 -39.76
N TRP A 148 10.99 2.87 -40.01
CA TRP A 148 10.65 1.68 -40.76
C TRP A 148 10.10 2.19 -42.08
N LYS A 149 10.78 1.90 -43.17
CA LYS A 149 10.33 2.32 -44.48
C LYS A 149 9.91 1.09 -45.29
N ILE A 150 8.62 1.02 -45.61
CA ILE A 150 8.06 -0.10 -46.36
C ILE A 150 7.90 0.35 -47.82
N ASP A 151 8.96 0.17 -48.60
CA ASP A 151 9.04 0.57 -50.01
C ASP A 151 9.21 2.08 -50.13
N GLY A 152 10.20 2.60 -49.41
CA GLY A 152 10.47 4.03 -49.43
C GLY A 152 9.59 4.83 -48.49
N SER A 153 8.34 4.41 -48.37
CA SER A 153 7.36 5.07 -47.50
C SER A 153 7.54 4.68 -46.05
N GLU A 154 7.68 5.67 -45.17
CA GLU A 154 7.85 5.41 -43.75
C GLU A 154 6.58 4.88 -43.09
N ARG A 155 6.73 3.84 -42.28
CA ARG A 155 5.61 3.24 -41.59
C ARG A 155 5.88 3.34 -40.09
N GLN A 156 4.85 3.12 -39.29
CA GLN A 156 5.03 3.22 -37.85
C GLN A 156 3.86 2.67 -37.05
N ASN A 157 2.76 2.39 -37.73
CA ASN A 157 1.59 1.90 -37.03
C ASN A 157 1.62 0.44 -36.61
N GLY A 158 2.53 -0.34 -37.19
CA GLY A 158 2.61 -1.75 -36.81
C GLY A 158 3.86 -2.11 -36.04
N VAL A 159 4.68 -1.12 -35.72
CA VAL A 159 5.93 -1.35 -35.01
C VAL A 159 5.78 -1.54 -33.50
N LEU A 160 6.72 -2.30 -32.93
CA LEU A 160 6.78 -2.60 -31.50
C LEU A 160 8.26 -2.73 -31.12
N ASN A 161 8.72 -1.91 -30.18
CA ASN A 161 10.14 -1.92 -29.78
C ASN A 161 10.47 -2.37 -28.35
N SER A 162 11.69 -2.86 -28.17
CA SER A 162 12.20 -3.30 -26.86
C SER A 162 13.70 -3.03 -26.73
N TRP A 163 14.09 -2.49 -25.58
CA TRP A 163 15.49 -2.15 -25.31
C TRP A 163 16.13 -3.04 -24.24
N THR A 164 17.45 -2.94 -24.15
CA THR A 164 18.22 -3.71 -23.19
C THR A 164 18.94 -2.73 -22.30
N ASP A 165 19.10 -3.10 -21.02
CA ASP A 165 19.79 -2.22 -20.10
C ASP A 165 21.30 -2.35 -20.25
N GLN A 166 22.03 -1.28 -19.91
CA GLN A 166 23.47 -1.27 -20.03
C GLN A 166 24.04 -2.62 -19.62
N ASP A 167 24.82 -3.24 -20.51
CA ASP A 167 25.42 -4.55 -20.24
C ASP A 167 26.53 -4.50 -19.20
N SER A 168 26.62 -5.57 -18.41
CA SER A 168 27.61 -5.72 -17.33
C SER A 168 29.02 -5.87 -17.88
N LYS A 169 29.12 -6.44 -19.07
CA LYS A 169 30.39 -6.69 -19.75
C LYS A 169 31.03 -5.46 -20.40
N ASP A 170 30.39 -4.93 -21.42
CA ASP A 170 30.90 -3.80 -22.18
C ASP A 170 30.28 -2.43 -21.94
N SER A 171 29.05 -2.41 -21.43
CA SER A 171 28.34 -1.16 -21.17
C SER A 171 27.60 -0.64 -22.41
N THR A 172 27.20 -1.56 -23.30
CA THR A 172 26.48 -1.19 -24.50
C THR A 172 25.07 -1.74 -24.43
N TYR A 173 24.13 -0.99 -25.00
CA TYR A 173 22.73 -1.39 -24.99
C TYR A 173 22.40 -2.27 -26.19
N SER A 174 21.12 -2.33 -26.53
CA SER A 174 20.69 -3.14 -27.66
C SER A 174 19.20 -2.94 -27.88
N MET A 175 18.78 -2.85 -29.13
CA MET A 175 17.36 -2.64 -29.44
C MET A 175 16.75 -3.73 -30.33
N SER A 176 15.43 -3.74 -30.44
CA SER A 176 14.75 -4.73 -31.26
C SER A 176 13.39 -4.32 -31.80
N SER A 177 13.37 -3.74 -33.00
CA SER A 177 12.12 -3.30 -33.63
C SER A 177 11.45 -4.50 -34.30
N THR A 178 10.12 -4.48 -34.36
CA THR A 178 9.37 -5.57 -34.97
C THR A 178 8.12 -5.08 -35.70
N LEU A 179 8.28 -4.84 -37.00
CA LEU A 179 7.19 -4.37 -37.85
C LEU A 179 6.29 -5.54 -38.25
N THR A 180 5.01 -5.45 -37.89
CA THR A 180 4.05 -6.51 -38.19
C THR A 180 2.94 -6.00 -39.12
N LEU A 181 2.45 -6.87 -39.99
CA LEU A 181 1.38 -6.52 -40.92
C LEU A 181 0.78 -7.76 -41.60
N THR A 182 -0.34 -7.59 -42.28
CA THR A 182 -1.02 -8.69 -42.98
C THR A 182 -0.06 -9.44 -43.90
N LYS A 183 -0.42 -10.65 -44.29
CA LYS A 183 0.44 -11.41 -45.20
C LYS A 183 0.26 -10.72 -46.55
N ASP A 184 -0.97 -10.29 -46.81
CA ASP A 184 -1.34 -9.61 -48.03
C ASP A 184 -0.62 -8.28 -48.12
N GLU A 185 -0.75 -7.47 -47.08
CA GLU A 185 -0.08 -6.17 -47.02
C GLU A 185 1.42 -6.35 -47.25
N TYR A 186 1.96 -7.46 -46.78
CA TYR A 186 3.39 -7.76 -46.92
C TYR A 186 3.75 -8.09 -48.36
N GLU A 187 2.84 -8.80 -49.03
CA GLU A 187 3.07 -9.22 -50.40
C GLU A 187 2.83 -8.20 -51.50
N ARG A 188 2.04 -7.17 -51.24
CA ARG A 188 1.81 -6.17 -52.27
C ARG A 188 2.86 -5.05 -52.17
N HIS A 189 3.98 -5.37 -51.53
CA HIS A 189 5.10 -4.44 -51.38
C HIS A 189 6.40 -5.23 -51.60
N ASN A 190 7.46 -4.54 -52.01
CA ASN A 190 8.72 -5.22 -52.32
C ASN A 190 9.98 -4.95 -51.48
N SER A 191 10.24 -3.68 -51.19
CA SER A 191 11.43 -3.34 -50.44
C SER A 191 11.19 -2.98 -48.98
N TYR A 192 11.90 -3.68 -48.09
CA TYR A 192 11.79 -3.43 -46.66
C TYR A 192 13.10 -2.96 -46.06
N THR A 193 13.15 -1.69 -45.72
CA THR A 193 14.34 -1.09 -45.14
C THR A 193 14.12 -0.77 -43.66
N CYS A 194 15.15 -1.01 -42.87
CA CYS A 194 15.13 -0.73 -41.44
C CYS A 194 16.24 0.31 -41.24
N GLU A 195 15.83 1.56 -41.03
CA GLU A 195 16.75 2.69 -40.90
C GLU A 195 17.00 3.10 -39.45
N ALA A 196 18.25 3.47 -39.12
CA ALA A 196 18.58 3.87 -37.74
C ALA A 196 19.52 5.05 -37.56
N THR A 197 19.08 6.03 -36.79
CA THR A 197 19.87 7.23 -36.51
C THR A 197 20.58 7.14 -35.17
N HIS A 198 21.89 7.34 -35.17
CA HIS A 198 22.67 7.29 -33.94
C HIS A 198 23.67 8.44 -33.91
N LYS A 199 24.38 8.58 -32.79
CA LYS A 199 25.37 9.65 -32.62
C LYS A 199 26.68 9.28 -33.31
N THR A 200 26.99 7.99 -33.30
CA THR A 200 28.22 7.49 -33.92
C THR A 200 28.21 7.71 -35.42
N SER A 201 27.16 7.24 -36.08
CA SER A 201 27.01 7.37 -37.52
C SER A 201 26.61 8.78 -37.95
N THR A 202 27.44 9.38 -38.81
CA THR A 202 27.19 10.72 -39.33
C THR A 202 25.83 10.80 -40.01
N SER A 203 25.46 9.70 -40.68
CA SER A 203 24.18 9.58 -41.36
C SER A 203 23.52 8.25 -41.02
N PRO A 204 22.19 8.16 -41.19
CA PRO A 204 21.44 6.94 -40.88
C PRO A 204 22.04 5.64 -41.38
N ILE A 205 22.39 4.77 -40.44
CA ILE A 205 22.94 3.46 -40.76
C ILE A 205 21.72 2.61 -41.11
N VAL A 206 21.69 2.13 -42.34
CA VAL A 206 20.56 1.32 -42.80
C VAL A 206 20.92 -0.10 -43.20
N LYS A 207 19.89 -0.94 -43.18
CA LYS A 207 19.99 -2.34 -43.55
C LYS A 207 18.64 -2.59 -44.23
N SER A 208 18.62 -3.46 -45.22
CA SER A 208 17.38 -3.71 -45.94
C SER A 208 17.36 -5.00 -46.73
N PHE A 209 16.20 -5.31 -47.29
CA PHE A 209 16.02 -6.51 -48.08
C PHE A 209 14.81 -6.37 -49.02
N ASN A 210 14.91 -6.99 -50.19
CA ASN A 210 13.83 -6.98 -51.19
C ASN A 210 13.40 -8.43 -51.40
N ARG A 211 12.09 -8.65 -51.46
CA ARG A 211 11.54 -10.00 -51.63
C ARG A 211 12.00 -10.75 -52.89
N GLN B 1 18.74 -6.71 12.15
CA GLN B 1 18.31 -7.89 11.35
C GLN B 1 16.80 -7.86 11.09
N VAL B 2 16.33 -6.66 10.74
CA VAL B 2 14.91 -6.43 10.45
C VAL B 2 14.63 -6.89 9.03
N GLN B 3 13.40 -7.25 8.74
CA GLN B 3 13.06 -7.67 7.40
C GLN B 3 11.58 -7.88 7.15
N LEU B 4 11.12 -7.33 6.02
CA LEU B 4 9.73 -7.45 5.62
C LEU B 4 9.68 -8.32 4.39
N GLN B 5 8.85 -9.36 4.41
CA GLN B 5 8.73 -10.21 3.25
C GLN B 5 7.31 -10.16 2.72
N GLN B 6 7.19 -9.73 1.48
CA GLN B 6 5.89 -9.58 0.84
C GLN B 6 5.47 -10.84 0.11
N SER B 7 4.16 -10.97 -0.08
CA SER B 7 3.60 -12.13 -0.75
C SER B 7 4.11 -12.26 -2.19
N GLY B 8 3.80 -13.40 -2.80
CA GLY B 8 4.21 -13.66 -4.16
C GLY B 8 3.42 -12.84 -5.16
N ALA B 9 3.89 -12.87 -6.41
CA ALA B 9 3.26 -12.12 -7.49
C ALA B 9 1.93 -12.73 -7.92
N GLU B 10 1.03 -11.89 -8.42
CA GLU B 10 -0.27 -12.37 -8.87
C GLU B 10 -0.75 -11.61 -10.10
N LEU B 11 -1.78 -12.14 -10.76
CA LEU B 11 -2.34 -11.49 -11.96
C LEU B 11 -3.86 -11.65 -12.00
N MET B 12 -4.55 -10.59 -11.60
CA MET B 12 -6.00 -10.58 -11.55
C MET B 12 -6.64 -10.16 -12.87
N LYS B 13 -7.92 -10.45 -12.97
CA LYS B 13 -8.70 -10.07 -14.14
C LYS B 13 -9.27 -8.70 -13.79
N PRO B 14 -9.35 -7.80 -14.77
CA PRO B 14 -9.89 -6.45 -14.56
C PRO B 14 -11.24 -6.46 -13.86
N GLY B 15 -11.34 -5.77 -12.74
CA GLY B 15 -12.59 -5.70 -12.00
C GLY B 15 -12.51 -6.44 -10.67
N ALA B 16 -11.62 -7.41 -10.58
CA ALA B 16 -11.45 -8.18 -9.36
C ALA B 16 -10.68 -7.38 -8.31
N LEU B 17 -10.38 -8.02 -7.19
CA LEU B 17 -9.63 -7.39 -6.11
C LEU B 17 -8.56 -8.35 -5.62
N VAL B 18 -7.44 -7.78 -5.20
CA VAL B 18 -6.31 -8.56 -4.72
C VAL B 18 -5.97 -8.14 -3.29
N LYS B 19 -5.13 -9.05 -2.70
CA LYS B 19 -4.61 -9.04 -1.32
C LYS B 19 -3.07 -9.12 -1.26
N ILE B 20 -2.38 -8.02 -1.13
CA ILE B 20 -0.95 -8.21 -0.92
C ILE B 20 -0.70 -8.34 0.58
N SER B 21 0.45 -8.87 0.95
CA SER B 21 0.79 -9.03 2.37
C SER B 21 2.28 -8.79 2.64
N CYS B 22 2.57 -8.34 3.84
CA CYS B 22 3.93 -8.01 4.26
C CYS B 22 4.11 -8.68 5.61
N LYS B 23 5.13 -9.49 5.75
CA LYS B 23 5.37 -10.13 7.05
C LYS B 23 6.65 -9.60 7.67
N ALA B 24 6.52 -9.10 8.89
CA ALA B 24 7.63 -8.49 9.63
C ALA B 24 8.44 -9.46 10.49
N THR B 25 9.74 -9.19 10.56
CA THR B 25 10.64 -10.05 11.31
C THR B 25 11.87 -9.32 11.81
N GLY B 26 12.02 -9.22 13.12
CA GLY B 26 13.20 -8.57 13.64
C GLY B 26 12.95 -7.34 14.45
N TYR B 27 11.68 -7.07 14.73
CA TYR B 27 11.34 -5.90 15.53
C TYR B 27 9.96 -6.10 16.14
N THR B 28 9.62 -5.28 17.12
CA THR B 28 8.31 -5.38 17.75
C THR B 28 7.28 -4.89 16.74
N PHE B 29 6.61 -5.81 16.05
CA PHE B 29 5.66 -5.43 15.01
C PHE B 29 4.65 -4.30 15.32
N SER B 30 4.15 -4.26 16.54
CA SER B 30 3.17 -3.26 16.96
C SER B 30 3.73 -1.86 17.14
N SER B 31 5.05 -1.74 17.27
CA SER B 31 5.68 -0.45 17.52
C SER B 31 6.17 0.43 16.36
N TYR B 32 5.91 0.03 15.13
CA TYR B 32 6.35 0.80 13.96
C TYR B 32 5.31 0.82 12.85
N TRP B 33 5.18 1.95 12.17
CA TRP B 33 4.22 2.07 11.07
C TRP B 33 4.67 1.36 9.77
N ILE B 34 3.70 0.84 9.03
CA ILE B 34 4.00 0.17 7.77
C ILE B 34 3.58 1.01 6.57
N GLU B 35 4.55 1.27 5.68
CA GLU B 35 4.35 2.08 4.48
C GLU B 35 4.00 1.26 3.26
N TRP B 36 3.34 1.89 2.28
CA TRP B 36 2.98 1.22 1.01
C TRP B 36 3.27 2.11 -0.20
N VAL B 37 4.22 1.68 -1.01
CA VAL B 37 4.62 2.44 -2.17
C VAL B 37 4.31 1.72 -3.49
N LYS B 38 3.81 2.45 -4.48
CA LYS B 38 3.50 1.87 -5.79
C LYS B 38 4.54 2.28 -6.81
N GLN B 39 5.02 1.34 -7.60
CA GLN B 39 6.02 1.66 -8.59
C GLN B 39 5.70 1.11 -9.98
N ARG B 40 5.26 2.00 -10.87
CA ARG B 40 4.95 1.63 -12.26
C ARG B 40 6.23 1.92 -13.02
N PRO B 41 6.46 1.24 -14.15
CA PRO B 41 7.65 1.40 -14.99
C PRO B 41 8.10 2.83 -15.33
N GLY B 42 7.15 3.71 -15.66
CA GLY B 42 7.55 5.07 -15.97
C GLY B 42 6.88 6.12 -15.10
N HIS B 43 6.87 5.91 -13.79
CA HIS B 43 6.23 6.87 -12.89
C HIS B 43 6.98 7.04 -11.58
N GLY B 44 8.18 6.47 -11.48
CA GLY B 44 8.93 6.60 -10.26
C GLY B 44 8.26 5.90 -9.09
N LEU B 45 8.15 6.59 -7.97
CA LEU B 45 7.53 6.00 -6.77
C LEU B 45 6.34 6.80 -6.23
N GLU B 46 5.20 6.14 -6.04
CA GLU B 46 4.02 6.81 -5.51
C GLU B 46 3.72 6.32 -4.09
N TRP B 47 3.45 7.22 -3.18
CA TRP B 47 3.12 6.83 -1.82
C TRP B 47 1.64 6.48 -1.79
N ILE B 48 1.26 5.42 -1.11
CA ILE B 48 -0.14 5.05 -1.07
C ILE B 48 -0.73 5.38 0.28
N GLY B 49 -0.02 5.03 1.34
CA GLY B 49 -0.52 5.32 2.66
C GLY B 49 0.31 4.60 3.69
N GLU B 50 -0.19 4.54 4.92
CA GLU B 50 0.55 3.86 5.96
C GLU B 50 -0.41 3.36 6.99
N ILE B 51 0.06 2.43 7.80
CA ILE B 51 -0.77 1.86 8.83
C ILE B 51 0.05 1.55 10.06
N LEU B 52 -0.58 1.69 11.20
CA LEU B 52 0.07 1.42 12.47
C LEU B 52 -0.62 0.21 13.06
N PRO B 53 0.00 -0.98 12.90
CA PRO B 53 -0.58 -2.22 13.42
C PRO B 53 -0.61 -2.17 14.94
N GLY B 54 -1.73 -2.61 15.49
CA GLY B 54 -1.87 -2.57 16.93
C GLY B 54 -2.82 -1.44 17.26
N SER B 55 -2.29 -0.22 17.30
CA SER B 55 -3.14 0.94 17.60
C SER B 55 -4.19 1.04 16.49
N GLY B 56 -3.75 0.86 15.24
CA GLY B 56 -4.67 0.89 14.13
C GLY B 56 -4.78 2.17 13.33
N SER B 57 -3.88 3.11 13.60
CA SER B 57 -3.89 4.37 12.91
C SER B 57 -3.66 4.15 11.42
N ILE B 58 -4.36 4.92 10.59
CA ILE B 58 -4.22 4.80 9.14
C ILE B 58 -4.22 6.15 8.44
N ASN B 59 -3.43 6.23 7.36
CA ASN B 59 -3.32 7.45 6.56
C ASN B 59 -3.28 7.14 5.07
N TYR B 60 -4.18 7.76 4.33
CA TYR B 60 -4.28 7.55 2.89
C TYR B 60 -3.91 8.73 2.01
N ASN B 61 -3.10 8.47 0.99
CA ASN B 61 -2.76 9.51 0.04
C ASN B 61 -4.13 9.82 -0.57
N GLU B 62 -4.51 11.09 -0.63
CA GLU B 62 -5.82 11.44 -1.20
C GLU B 62 -6.18 10.69 -2.49
N LYS B 63 -5.17 10.42 -3.31
CA LYS B 63 -5.34 9.76 -4.60
C LYS B 63 -5.61 8.26 -4.59
N PHE B 64 -5.54 7.61 -3.43
CA PHE B 64 -5.82 6.17 -3.40
C PHE B 64 -6.98 5.83 -2.51
N LYS B 65 -7.47 6.81 -1.75
CA LYS B 65 -8.55 6.55 -0.81
C LYS B 65 -9.55 5.48 -1.22
N GLY B 66 -10.08 5.57 -2.44
CA GLY B 66 -11.05 4.58 -2.87
C GLY B 66 -10.43 3.22 -3.24
N LYS B 67 -9.24 3.25 -3.84
CA LYS B 67 -8.56 2.04 -4.28
C LYS B 67 -7.92 1.15 -3.22
N ALA B 68 -7.13 1.72 -2.31
CA ALA B 68 -6.47 0.92 -1.28
C ALA B 68 -7.13 0.95 0.10
N THR B 69 -7.00 -0.19 0.79
CA THR B 69 -7.55 -0.38 2.15
C THR B 69 -6.62 -1.31 2.95
N PHE B 70 -5.97 -0.74 3.97
CA PHE B 70 -5.02 -1.44 4.82
C PHE B 70 -5.58 -2.14 6.06
N THR B 71 -4.90 -3.20 6.49
CA THR B 71 -5.25 -3.96 7.67
C THR B 71 -3.98 -4.53 8.23
N ALA B 72 -4.05 -5.07 9.43
CA ALA B 72 -2.88 -5.66 10.03
C ALA B 72 -3.31 -6.70 11.03
N ASP B 73 -2.59 -7.82 11.04
CA ASP B 73 -2.86 -8.91 11.96
C ASP B 73 -1.65 -8.91 12.88
N THR B 74 -1.88 -8.71 14.17
CA THR B 74 -0.79 -8.67 15.13
C THR B 74 -0.27 -10.06 15.49
N SER B 75 -1.20 -11.01 15.56
CA SER B 75 -0.87 -12.40 15.87
C SER B 75 -0.01 -13.01 14.76
N SER B 76 -0.26 -12.54 13.54
CA SER B 76 0.44 -13.00 12.35
C SER B 76 1.73 -12.21 12.05
N ASN B 77 1.76 -10.93 12.43
CA ASN B 77 2.91 -10.07 12.16
C ASN B 77 2.97 -9.70 10.70
N THR B 78 1.78 -9.53 10.10
CA THR B 78 1.68 -9.18 8.70
C THR B 78 0.64 -8.09 8.47
N ALA B 79 1.01 -7.16 7.59
CA ALA B 79 0.15 -6.05 7.22
C ALA B 79 -0.34 -6.34 5.81
N TYR B 80 -1.61 -6.03 5.55
CA TYR B 80 -2.20 -6.28 4.25
C TYR B 80 -2.70 -5.03 3.55
N MET B 81 -2.58 -5.03 2.22
CA MET B 81 -3.11 -3.93 1.42
C MET B 81 -4.03 -4.58 0.40
N GLN B 82 -5.19 -4.00 0.18
CA GLN B 82 -6.12 -4.57 -0.76
C GLN B 82 -6.56 -3.57 -1.80
N LEU B 83 -6.32 -3.88 -3.07
CA LEU B 83 -6.68 -3.00 -4.18
C LEU B 83 -8.04 -3.38 -4.75
N ASN B 84 -9.02 -2.48 -4.62
CA ASN B 84 -10.37 -2.75 -5.11
C ASN B 84 -10.56 -2.30 -6.55
N SER B 85 -11.43 -3.01 -7.27
CA SER B 85 -11.75 -2.69 -8.67
C SER B 85 -10.53 -2.45 -9.54
N LEU B 86 -9.70 -3.49 -9.69
CA LEU B 86 -8.49 -3.40 -10.50
C LEU B 86 -8.67 -2.90 -11.95
N THR B 87 -7.76 -2.05 -12.38
CA THR B 87 -7.75 -1.47 -13.72
C THR B 87 -6.44 -1.86 -14.38
N SER B 88 -6.42 -1.89 -15.70
CA SER B 88 -5.21 -2.24 -16.43
C SER B 88 -4.02 -1.38 -15.98
N GLU B 89 -4.31 -0.25 -15.35
CA GLU B 89 -3.25 0.63 -14.91
C GLU B 89 -2.87 0.47 -13.43
N ASP B 90 -3.34 -0.60 -12.80
CA ASP B 90 -2.99 -0.87 -11.41
C ASP B 90 -1.81 -1.82 -11.44
N SER B 91 -1.54 -2.33 -12.64
CA SER B 91 -0.44 -3.25 -12.85
C SER B 91 0.83 -2.49 -12.50
N ALA B 92 1.60 -3.02 -11.56
CA ALA B 92 2.83 -2.38 -11.13
C ALA B 92 3.44 -3.16 -9.97
N VAL B 93 4.53 -2.64 -9.42
CA VAL B 93 5.16 -3.26 -8.28
C VAL B 93 4.80 -2.50 -7.02
N TYR B 94 4.39 -3.23 -5.99
CA TYR B 94 4.00 -2.64 -4.72
C TYR B 94 4.97 -3.03 -3.61
N TYR B 95 5.45 -2.04 -2.85
CA TYR B 95 6.37 -2.30 -1.75
C TYR B 95 5.72 -2.03 -0.40
N CYS B 96 6.40 -2.44 0.66
CA CYS B 96 5.95 -2.18 2.02
C CYS B 96 7.22 -1.94 2.80
N ALA B 97 7.38 -0.72 3.31
CA ALA B 97 8.57 -0.37 4.06
C ALA B 97 8.24 0.03 5.49
N ARG B 98 9.23 -0.12 6.38
CA ARG B 98 8.97 0.24 7.78
C ARG B 98 9.31 1.69 8.03
N ASN B 99 8.30 2.45 8.53
CA ASN B 99 8.40 3.86 8.88
C ASN B 99 9.17 3.90 10.22
N HIS B 100 10.39 4.42 10.17
CA HIS B 100 11.23 4.54 11.37
C HIS B 100 10.50 5.06 12.61
N GLY B 101 11.20 5.05 13.73
CA GLY B 101 10.58 5.51 14.97
C GLY B 101 10.40 7.01 15.16
N SER B 102 10.14 7.37 16.41
CA SER B 102 9.94 8.77 16.78
C SER B 102 11.09 9.60 16.28
N PRO B 103 12.33 9.15 16.50
CA PRO B 103 13.47 9.95 16.03
C PRO B 103 13.16 10.78 14.77
N ASP B 104 13.20 10.11 13.60
CA ASP B 104 12.96 10.72 12.29
C ASP B 104 11.70 10.15 11.67
N PHE B 105 10.64 10.94 11.63
CA PHE B 105 9.37 10.47 11.07
C PHE B 105 9.36 10.34 9.57
N HIS B 106 8.67 9.30 9.11
CA HIS B 106 8.47 9.04 7.69
C HIS B 106 9.64 8.67 6.80
N VAL B 107 10.75 8.28 7.41
CA VAL B 107 11.89 7.86 6.63
C VAL B 107 11.79 6.35 6.65
N MET B 108 11.52 5.73 5.51
CA MET B 108 11.40 4.28 5.49
C MET B 108 12.80 3.65 5.40
N ASP B 109 13.18 2.91 6.44
CA ASP B 109 14.50 2.27 6.51
C ASP B 109 14.61 0.83 5.99
N TYR B 110 13.55 0.05 6.11
CA TYR B 110 13.58 -1.32 5.60
C TYR B 110 12.45 -1.51 4.60
N TRP B 111 12.81 -1.98 3.41
CA TRP B 111 11.83 -2.19 2.36
C TRP B 111 11.53 -3.66 2.11
N GLY B 112 10.29 -3.97 1.74
CA GLY B 112 9.96 -5.35 1.43
C GLY B 112 10.72 -5.69 0.15
N GLN B 113 10.49 -6.87 -0.43
CA GLN B 113 11.20 -7.24 -1.67
C GLN B 113 10.42 -6.68 -2.86
N GLY B 114 9.12 -6.52 -2.66
CA GLY B 114 8.24 -6.01 -3.69
C GLY B 114 7.31 -7.10 -4.19
N THR B 115 6.01 -6.81 -4.24
CA THR B 115 5.03 -7.76 -4.75
C THR B 115 4.73 -7.26 -6.16
N SER B 116 4.27 -8.15 -7.03
CA SER B 116 3.99 -7.74 -8.39
C SER B 116 2.59 -8.08 -8.85
N ILE B 117 1.87 -7.08 -9.31
CA ILE B 117 0.52 -7.30 -9.79
C ILE B 117 0.35 -6.93 -11.26
N THR B 118 -0.40 -7.77 -11.97
CA THR B 118 -0.68 -7.58 -13.40
C THR B 118 -2.15 -7.81 -13.70
N VAL B 119 -2.85 -6.75 -14.08
CA VAL B 119 -4.26 -6.88 -14.40
C VAL B 119 -4.34 -7.03 -15.91
N SER B 120 -5.04 -8.04 -16.39
CA SER B 120 -5.19 -8.30 -17.82
C SER B 120 -6.24 -9.36 -18.01
N SER B 121 -7.31 -9.01 -18.75
CA SER B 121 -8.40 -9.96 -19.00
C SER B 121 -7.98 -11.02 -20.01
N ALA B 122 -6.68 -11.15 -20.22
CA ALA B 122 -6.14 -12.13 -21.15
C ALA B 122 -6.28 -13.56 -20.63
N LYS B 123 -6.06 -14.53 -21.53
CA LYS B 123 -6.14 -15.95 -21.24
C LYS B 123 -4.84 -16.64 -21.65
N THR B 124 -4.54 -17.74 -20.96
CA THR B 124 -3.31 -18.47 -21.29
C THR B 124 -3.19 -18.72 -22.80
N THR B 125 -1.94 -18.81 -23.29
CA THR B 125 -1.70 -19.05 -24.71
C THR B 125 -0.31 -19.59 -25.04
N ALA B 126 -0.22 -20.32 -26.16
CA ALA B 126 1.03 -20.90 -26.62
C ALA B 126 1.74 -19.90 -27.53
N PRO B 127 3.05 -19.72 -27.32
CA PRO B 127 3.93 -18.80 -28.07
C PRO B 127 4.54 -19.31 -29.38
N PRO B 128 3.81 -19.24 -30.52
CA PRO B 128 4.42 -19.72 -31.77
C PRO B 128 5.81 -19.13 -32.01
N VAL B 129 6.82 -19.99 -31.96
CA VAL B 129 8.19 -19.55 -32.16
C VAL B 129 8.56 -19.65 -33.63
N TYR B 130 9.18 -18.60 -34.15
CA TYR B 130 9.60 -18.55 -35.55
C TYR B 130 11.11 -18.41 -35.63
N PRO B 131 11.76 -19.17 -36.53
CA PRO B 131 13.22 -19.12 -36.70
C PRO B 131 13.63 -17.94 -37.59
N LEU B 132 14.48 -17.06 -37.07
CA LEU B 132 14.94 -15.92 -37.86
C LEU B 132 16.26 -16.22 -38.55
N ALA B 133 16.18 -16.54 -39.84
CA ALA B 133 17.37 -16.85 -40.64
C ALA B 133 17.76 -15.67 -41.52
N PRO B 134 19.06 -15.33 -41.55
CA PRO B 134 19.57 -14.22 -42.34
C PRO B 134 19.00 -14.19 -43.76
N GLY B 135 18.95 -13.01 -44.34
CA GLY B 135 18.45 -12.88 -45.70
C GLY B 135 19.44 -13.58 -46.59
N SER B 136 18.96 -14.19 -47.66
CA SER B 136 19.82 -14.92 -48.60
C SER B 136 20.99 -14.06 -49.11
N ALA B 137 20.98 -12.77 -48.74
CA ALA B 137 22.01 -11.81 -49.14
C ALA B 137 23.42 -12.39 -49.13
N ALA B 138 24.31 -11.74 -49.87
CA ALA B 138 25.69 -12.16 -50.00
C ALA B 138 26.35 -12.41 -48.64
N GLN B 139 27.28 -13.36 -48.63
CA GLN B 139 27.99 -13.73 -47.42
C GLN B 139 28.62 -12.57 -46.68
N THR B 140 28.35 -12.49 -45.38
CA THR B 140 28.92 -11.44 -44.56
C THR B 140 30.26 -12.00 -44.08
N ASN B 141 31.31 -11.20 -44.21
CA ASN B 141 32.67 -11.58 -43.84
C ASN B 141 32.85 -12.23 -42.47
N SER B 142 33.08 -11.40 -41.45
CA SER B 142 33.30 -11.90 -40.09
C SER B 142 32.12 -12.60 -39.42
N MET B 143 31.36 -11.85 -38.62
CA MET B 143 30.24 -12.42 -37.87
C MET B 143 28.87 -12.38 -38.57
N VAL B 144 28.06 -13.42 -38.33
CA VAL B 144 26.71 -13.52 -38.89
C VAL B 144 25.77 -13.48 -37.70
N THR B 145 24.50 -13.11 -37.93
CA THR B 145 23.53 -13.03 -36.83
C THR B 145 22.23 -13.80 -37.08
N LEU B 146 21.83 -14.57 -36.07
CA LEU B 146 20.61 -15.36 -36.13
C LEU B 146 19.62 -14.88 -35.09
N GLY B 147 18.33 -15.14 -35.31
CA GLY B 147 17.35 -14.69 -34.35
C GLY B 147 16.20 -15.66 -34.09
N CYS B 148 15.56 -15.48 -32.95
CA CYS B 148 14.42 -16.29 -32.56
C CYS B 148 13.31 -15.32 -32.15
N LEU B 149 12.08 -15.61 -32.56
CA LEU B 149 10.95 -14.74 -32.27
C LEU B 149 9.79 -15.47 -31.58
N VAL B 150 9.67 -15.31 -30.27
CA VAL B 150 8.57 -15.94 -29.54
C VAL B 150 7.45 -14.90 -29.61
N LYS B 151 6.36 -15.22 -30.29
CA LYS B 151 5.28 -14.26 -30.47
C LYS B 151 3.89 -14.58 -29.92
N GLY B 152 3.24 -13.58 -29.35
CA GLY B 152 1.88 -13.70 -28.82
C GLY B 152 1.58 -14.80 -27.82
N TYR B 153 2.04 -14.64 -26.58
CA TYR B 153 1.80 -15.63 -25.55
C TYR B 153 1.31 -15.01 -24.25
N PHE B 154 0.72 -15.84 -23.39
CA PHE B 154 0.22 -15.37 -22.10
C PHE B 154 0.21 -16.50 -21.07
N PRO B 155 0.78 -16.24 -19.89
CA PRO B 155 1.40 -14.96 -19.57
C PRO B 155 2.89 -15.15 -19.30
N GLU B 156 3.51 -14.13 -18.74
CA GLU B 156 4.92 -14.19 -18.40
C GLU B 156 5.15 -15.31 -17.39
N PRO B 157 6.35 -15.93 -17.41
CA PRO B 157 7.43 -15.60 -18.34
C PRO B 157 7.69 -16.78 -19.29
N VAL B 158 8.86 -16.76 -19.93
CA VAL B 158 9.26 -17.81 -20.87
C VAL B 158 10.79 -17.92 -20.81
N THR B 159 11.32 -19.08 -21.21
CA THR B 159 12.76 -19.30 -21.19
C THR B 159 13.35 -19.67 -22.54
N VAL B 160 14.12 -18.75 -23.12
CA VAL B 160 14.77 -18.98 -24.41
C VAL B 160 16.26 -19.17 -24.13
N THR B 161 16.82 -20.19 -24.77
CA THR B 161 18.23 -20.53 -24.63
C THR B 161 18.73 -21.09 -25.93
N TRP B 162 19.93 -20.69 -26.35
CA TRP B 162 20.48 -21.19 -27.59
C TRP B 162 21.36 -22.42 -27.30
N ASN B 163 20.93 -23.58 -27.81
CA ASN B 163 21.66 -24.83 -27.64
C ASN B 163 21.71 -25.26 -26.16
N SER B 164 20.59 -25.08 -25.46
CA SER B 164 20.47 -25.42 -24.05
C SER B 164 21.67 -25.00 -23.20
N GLY B 165 21.99 -23.71 -23.22
CA GLY B 165 23.09 -23.19 -22.44
C GLY B 165 24.44 -23.30 -23.13
N SER B 166 24.52 -24.16 -24.13
CA SER B 166 25.76 -24.34 -24.88
C SER B 166 26.28 -22.98 -25.34
N LEU B 167 25.53 -22.35 -26.23
CA LEU B 167 25.90 -21.03 -26.74
C LEU B 167 25.20 -20.00 -25.86
N SER B 168 25.96 -19.40 -24.96
CA SER B 168 25.43 -18.41 -24.05
C SER B 168 26.03 -17.03 -24.29
N SER B 169 27.34 -16.92 -24.15
CA SER B 169 28.01 -15.65 -24.37
C SER B 169 27.85 -15.25 -25.83
N GLY B 170 27.70 -13.95 -26.09
CA GLY B 170 27.53 -13.46 -27.44
C GLY B 170 26.07 -13.43 -27.88
N VAL B 171 25.17 -13.56 -26.92
CA VAL B 171 23.73 -13.56 -27.18
C VAL B 171 23.03 -12.37 -26.54
N HIS B 172 21.98 -11.91 -27.20
CA HIS B 172 21.17 -10.80 -26.72
C HIS B 172 19.73 -11.27 -26.74
N THR B 173 19.06 -11.15 -25.59
CA THR B 173 17.67 -11.55 -25.50
C THR B 173 16.89 -10.38 -24.89
N PHE B 174 15.91 -9.89 -25.63
CA PHE B 174 15.11 -8.74 -25.23
C PHE B 174 13.87 -8.98 -24.40
N PRO B 175 13.56 -8.01 -23.52
CA PRO B 175 12.44 -7.96 -22.59
C PRO B 175 11.10 -8.15 -23.29
N ALA B 176 10.27 -9.04 -22.77
CA ALA B 176 8.97 -9.26 -23.38
C ALA B 176 8.31 -7.90 -23.43
N VAL B 177 7.49 -7.68 -24.45
CA VAL B 177 6.79 -6.40 -24.60
C VAL B 177 5.35 -6.71 -24.97
N LEU B 178 4.41 -6.23 -24.16
CA LEU B 178 3.00 -6.50 -24.42
C LEU B 178 2.49 -5.72 -25.62
N GLN B 179 2.04 -6.49 -26.61
CA GLN B 179 1.43 -5.99 -27.83
C GLN B 179 0.07 -6.60 -27.78
N SER B 180 -0.96 -5.76 -27.62
CA SER B 180 -2.37 -6.24 -27.64
C SER B 180 -2.65 -7.49 -26.77
N ASP B 181 -2.30 -7.38 -25.51
CA ASP B 181 -2.55 -8.46 -24.56
C ASP B 181 -1.64 -9.64 -24.74
N LEU B 182 -0.88 -9.61 -25.75
CA LEU B 182 0.03 -10.72 -25.79
C LEU B 182 1.46 -10.25 -25.67
N TYR B 183 2.26 -10.98 -24.91
CA TYR B 183 3.66 -10.64 -24.80
C TYR B 183 4.39 -11.23 -26.00
N THR B 184 5.37 -10.48 -26.49
CA THR B 184 6.16 -10.87 -27.64
C THR B 184 7.62 -10.62 -27.32
N LEU B 185 8.53 -11.48 -27.73
CA LEU B 185 9.93 -11.22 -27.46
C LEU B 185 10.86 -11.88 -28.46
N SER B 186 12.04 -11.27 -28.62
CA SER B 186 13.02 -11.76 -29.56
C SER B 186 14.37 -11.94 -28.91
N SER B 187 15.23 -12.75 -29.54
CA SER B 187 16.59 -12.98 -29.06
C SER B 187 17.54 -13.12 -30.24
N SER B 188 18.66 -12.40 -30.17
CA SER B 188 19.66 -12.44 -31.23
C SER B 188 20.92 -13.12 -30.73
N VAL B 189 21.69 -13.67 -31.65
CA VAL B 189 22.94 -14.35 -31.33
C VAL B 189 23.96 -14.09 -32.44
N THR B 190 25.21 -13.84 -32.06
CA THR B 190 26.27 -13.56 -33.02
C THR B 190 27.49 -14.48 -32.91
N VAL B 191 27.70 -15.32 -33.92
CA VAL B 191 28.82 -16.25 -33.98
C VAL B 191 29.56 -16.08 -35.32
N PRO B 192 30.89 -16.35 -35.36
CA PRO B 192 31.63 -16.19 -36.62
C PRO B 192 30.93 -16.93 -37.76
N SER B 193 31.17 -16.49 -39.00
CA SER B 193 30.55 -17.13 -40.15
C SER B 193 31.04 -18.57 -40.27
N SER B 194 32.05 -18.90 -39.46
CA SER B 194 32.63 -20.23 -39.46
C SER B 194 31.64 -21.26 -38.92
N PRO B 195 31.18 -21.12 -37.66
CA PRO B 195 30.22 -22.09 -37.12
C PRO B 195 29.00 -22.30 -38.02
N ARG B 196 28.24 -21.23 -38.27
CA ARG B 196 27.05 -21.32 -39.11
C ARG B 196 27.37 -21.10 -40.60
N PRO B 197 26.69 -21.85 -41.50
CA PRO B 197 25.67 -22.89 -41.25
C PRO B 197 26.22 -24.28 -40.91
N SER B 198 27.54 -24.40 -40.80
CA SER B 198 28.19 -25.68 -40.51
C SER B 198 27.98 -26.16 -39.06
N GLU B 199 26.88 -25.71 -38.44
CA GLU B 199 26.56 -26.10 -37.08
C GLU B 199 25.06 -26.38 -37.01
N THR B 200 24.50 -26.25 -35.81
CA THR B 200 23.07 -26.46 -35.59
C THR B 200 22.62 -25.65 -34.39
N VAL B 201 22.68 -24.33 -34.54
CA VAL B 201 22.26 -23.44 -33.49
C VAL B 201 20.74 -23.53 -33.41
N THR B 202 20.21 -23.82 -32.23
CA THR B 202 18.77 -23.98 -32.04
C THR B 202 18.18 -23.05 -30.99
N CYS B 203 16.90 -22.74 -31.14
CA CYS B 203 16.21 -21.88 -30.19
C CYS B 203 15.42 -22.76 -29.22
N ASN B 204 15.79 -22.71 -27.95
CA ASN B 204 15.13 -23.50 -26.92
C ASN B 204 14.18 -22.60 -26.13
N VAL B 205 12.90 -22.70 -26.44
CA VAL B 205 11.86 -21.90 -25.78
C VAL B 205 10.97 -22.78 -24.90
N ALA B 206 10.72 -22.33 -23.68
CA ALA B 206 9.89 -23.08 -22.73
C ALA B 206 8.87 -22.17 -22.05
N HIS B 207 7.58 -22.49 -22.22
CA HIS B 207 6.50 -21.72 -21.61
C HIS B 207 5.86 -22.47 -20.43
N PRO B 208 6.43 -22.30 -19.22
CA PRO B 208 5.94 -22.96 -18.00
C PRO B 208 4.43 -22.83 -17.72
N ALA B 209 3.75 -21.98 -18.48
CA ALA B 209 2.31 -21.78 -18.29
C ALA B 209 1.45 -22.78 -19.05
N SER B 210 1.54 -22.77 -20.37
CA SER B 210 0.77 -23.73 -21.17
C SER B 210 1.63 -24.97 -21.36
N SER B 211 2.71 -25.01 -20.58
CA SER B 211 3.68 -26.12 -20.61
C SER B 211 4.06 -26.51 -22.03
N THR B 212 4.51 -25.53 -22.80
CA THR B 212 4.92 -25.77 -24.17
C THR B 212 6.43 -25.63 -24.29
N LYS B 213 7.10 -26.76 -24.49
CA LYS B 213 8.54 -26.75 -24.67
C LYS B 213 8.71 -27.00 -26.16
N VAL B 214 9.43 -26.12 -26.83
CA VAL B 214 9.64 -26.28 -28.27
C VAL B 214 11.07 -25.87 -28.64
N ASP B 215 11.61 -26.51 -29.67
CA ASP B 215 12.95 -26.23 -30.17
C ASP B 215 12.86 -26.04 -31.67
N LYS B 216 13.57 -25.04 -32.18
CA LYS B 216 13.57 -24.80 -33.62
C LYS B 216 14.97 -24.35 -34.03
N LYS B 217 15.55 -25.09 -34.97
CA LYS B 217 16.89 -24.81 -35.47
C LYS B 217 16.84 -23.79 -36.62
N ILE B 218 17.64 -22.74 -36.51
CA ILE B 218 17.70 -21.71 -37.53
C ILE B 218 18.23 -22.24 -38.86
N VAL B 219 17.31 -22.75 -39.69
CA VAL B 219 17.66 -23.32 -40.99
C VAL B 219 17.87 -22.23 -42.06
N PRO B 220 19.14 -22.05 -42.51
CA PRO B 220 19.51 -21.05 -43.53
C PRO B 220 18.72 -21.17 -44.81
N ARG B 221 18.96 -20.22 -45.72
CA ARG B 221 18.33 -20.12 -47.05
C ARG B 221 17.61 -18.78 -47.21
N THR C 28 -46.06 3.15 47.50
CA THR C 28 -45.48 4.39 48.08
C THR C 28 -44.11 4.71 47.48
N SER C 29 -43.25 3.70 47.41
CA SER C 29 -41.92 3.84 46.83
C SER C 29 -41.77 2.78 45.77
N THR C 30 -40.84 2.97 44.85
CA THR C 30 -40.65 1.98 43.81
C THR C 30 -39.19 1.63 43.56
N LEU C 31 -38.97 0.36 43.26
CA LEU C 31 -37.64 -0.17 42.97
C LEU C 31 -37.63 -0.71 41.54
N CYS C 32 -36.71 -0.20 40.72
CA CYS C 32 -36.58 -0.61 39.31
C CYS C 32 -35.23 -1.28 39.08
N LEU C 33 -35.28 -2.55 38.67
CA LEU C 33 -34.09 -3.34 38.41
C LEU C 33 -33.74 -3.40 36.94
N TYR C 34 -32.54 -2.95 36.59
CA TYR C 34 -32.13 -2.99 35.20
C TYR C 34 -31.11 -4.10 35.01
N TYR C 35 -31.34 -4.92 34.04
CA TYR C 35 -30.41 -5.99 33.75
C TYR C 35 -30.30 -6.09 32.24
N PRO C 36 -29.30 -6.82 31.75
CA PRO C 36 -29.08 -7.13 30.34
C PRO C 36 -29.87 -8.34 29.92
N THR C 37 -30.10 -8.50 28.62
CA THR C 37 -30.86 -9.65 28.14
C THR C 37 -30.19 -10.93 28.59
N GLU C 38 -28.92 -11.10 28.27
CA GLU C 38 -28.22 -12.33 28.67
C GLU C 38 -28.58 -12.78 30.07
N ALA C 39 -28.76 -11.83 30.99
CA ALA C 39 -29.10 -12.13 32.37
C ALA C 39 -30.38 -12.94 32.45
N ALA C 40 -31.44 -12.42 31.85
CA ALA C 40 -32.73 -13.09 31.85
C ALA C 40 -32.69 -14.36 31.04
N THR C 41 -32.04 -14.36 29.88
CA THR C 41 -31.97 -15.57 29.04
C THR C 41 -31.40 -16.75 29.82
N GLU C 42 -30.39 -16.50 30.64
CA GLU C 42 -29.77 -17.56 31.41
C GLU C 42 -30.69 -18.12 32.48
N ILE C 43 -31.67 -17.32 32.87
CA ILE C 43 -32.61 -17.73 33.91
C ILE C 43 -33.68 -18.71 33.45
N ASN C 44 -34.05 -18.55 32.18
CA ASN C 44 -34.92 -19.39 31.40
C ASN C 44 -36.32 -19.77 31.94
N ASP C 45 -36.89 -18.87 32.71
CA ASP C 45 -38.19 -19.13 33.31
C ASP C 45 -39.17 -18.03 32.87
N ASN C 46 -40.42 -18.40 32.69
CA ASN C 46 -41.45 -17.47 32.30
C ASN C 46 -41.95 -16.76 33.54
N SER C 47 -41.57 -17.23 34.71
CA SER C 47 -42.06 -16.62 35.93
C SER C 47 -40.99 -16.09 36.85
N TRP C 48 -39.80 -15.85 36.33
CA TRP C 48 -38.72 -15.39 37.20
C TRP C 48 -39.04 -14.02 37.78
N LYS C 49 -39.59 -13.12 36.96
CA LYS C 49 -39.92 -11.80 37.47
C LYS C 49 -40.91 -11.95 38.62
N ASP C 50 -41.84 -12.88 38.46
CA ASP C 50 -42.86 -13.14 39.48
C ASP C 50 -42.30 -13.76 40.77
N THR C 51 -41.54 -14.83 40.63
CA THR C 51 -40.95 -15.49 41.79
C THR C 51 -40.16 -14.48 42.62
N LEU C 52 -39.27 -13.73 41.98
CA LEU C 52 -38.48 -12.74 42.68
C LEU C 52 -39.34 -11.71 43.41
N SER C 53 -40.50 -11.41 42.83
CA SER C 53 -41.41 -10.42 43.41
C SER C 53 -42.00 -10.87 44.74
N GLN C 54 -42.32 -12.16 44.83
CA GLN C 54 -42.86 -12.69 46.08
C GLN C 54 -41.71 -12.67 47.07
N LEU C 55 -40.52 -13.00 46.57
CA LEU C 55 -39.35 -12.98 47.42
C LEU C 55 -39.07 -11.57 47.92
N PHE C 56 -39.49 -10.58 47.13
CA PHE C 56 -39.29 -9.19 47.51
C PHE C 56 -40.22 -8.76 48.62
N LEU C 57 -41.31 -9.50 48.85
CA LEU C 57 -42.22 -9.15 49.94
C LEU C 57 -41.47 -9.40 51.24
N THR C 58 -40.64 -10.44 51.25
CA THR C 58 -39.85 -10.80 52.42
C THR C 58 -39.05 -9.59 52.90
N LYS C 59 -38.28 -9.01 51.98
CA LYS C 59 -37.46 -7.85 52.29
C LYS C 59 -38.31 -6.61 52.53
N GLY C 60 -39.63 -6.77 52.36
CA GLY C 60 -40.54 -5.66 52.63
C GLY C 60 -41.05 -4.74 51.53
N TRP C 61 -41.21 -5.24 50.31
CA TRP C 61 -41.71 -4.42 49.21
C TRP C 61 -43.02 -5.00 48.69
N PRO C 62 -44.14 -4.27 48.85
CA PRO C 62 -45.50 -4.66 48.42
C PRO C 62 -45.65 -5.29 47.00
N THR C 63 -46.76 -6.02 46.78
CA THR C 63 -46.88 -6.82 45.54
C THR C 63 -46.59 -6.06 44.26
N GLY C 64 -46.83 -4.75 44.20
CA GLY C 64 -46.57 -4.08 42.93
C GLY C 64 -45.54 -3.02 43.09
N SER C 65 -44.64 -3.30 43.93
CA SER C 65 -43.75 -2.25 44.23
C SER C 65 -42.44 -2.22 43.49
N VAL C 66 -42.15 -3.31 42.80
CA VAL C 66 -40.94 -3.48 42.04
C VAL C 66 -41.17 -3.79 40.56
N TYR C 67 -40.31 -3.15 39.75
CA TYR C 67 -40.36 -3.28 38.31
C TYR C 67 -39.07 -3.83 37.68
N PHE C 68 -39.20 -4.63 36.63
CA PHE C 68 -38.04 -5.23 35.96
C PHE C 68 -37.83 -4.77 34.51
N LYS C 69 -36.84 -3.81 34.25
CA LYS C 69 -36.52 -3.24 32.90
C LYS C 69 -35.25 -3.95 32.33
N GLU C 70 -35.41 -4.42 31.08
CA GLU C 70 -34.46 -5.17 30.24
C GLU C 70 -33.61 -4.36 29.23
N TYR C 71 -32.37 -3.98 29.55
CA TYR C 71 -31.65 -3.25 28.51
C TYR C 71 -30.99 -4.24 27.57
N THR C 72 -31.18 -4.03 26.28
CA THR C 72 -30.60 -4.92 25.27
C THR C 72 -29.22 -4.49 24.81
N ASP C 73 -28.96 -3.18 24.86
CA ASP C 73 -27.66 -2.66 24.47
C ASP C 73 -27.16 -1.71 25.55
N ILE C 74 -26.22 -2.18 26.36
CA ILE C 74 -25.70 -1.38 27.45
C ILE C 74 -25.14 -0.01 27.04
N ALA C 75 -24.32 0.02 25.99
CA ALA C 75 -23.72 1.27 25.54
C ALA C 75 -24.73 2.41 25.39
N SER C 76 -25.81 2.15 24.64
CA SER C 76 -26.87 3.14 24.41
C SER C 76 -27.66 3.45 25.66
N PHE C 77 -28.02 2.41 26.40
CA PHE C 77 -28.76 2.54 27.65
C PHE C 77 -28.02 3.46 28.60
N SER C 78 -26.70 3.31 28.66
CA SER C 78 -25.85 4.12 29.53
C SER C 78 -25.99 5.61 29.24
N VAL C 79 -26.20 5.95 27.98
CA VAL C 79 -26.34 7.35 27.57
C VAL C 79 -27.68 7.96 28.00
N ASP C 80 -28.78 7.48 27.42
CA ASP C 80 -30.14 7.97 27.73
C ASP C 80 -30.96 6.93 28.48
N PRO C 81 -30.58 6.59 29.73
CA PRO C 81 -31.30 5.56 30.50
C PRO C 81 -32.57 6.08 31.16
N GLN C 82 -33.71 6.13 30.42
CA GLN C 82 -34.96 6.63 30.99
C GLN C 82 -35.32 5.95 32.31
N LEU C 83 -34.75 6.45 33.46
CA LEU C 83 -34.96 5.86 34.78
C LEU C 83 -36.42 5.97 35.21
N TYR C 84 -37.10 4.87 35.36
CA TYR C 84 -38.55 4.91 35.63
C TYR C 84 -38.96 5.03 37.10
N CYS C 85 -38.25 4.37 37.98
CA CYS C 85 -38.67 4.35 39.34
C CYS C 85 -37.83 5.20 40.24
N ASP C 86 -38.37 5.38 41.46
CA ASP C 86 -37.81 6.13 42.60
C ASP C 86 -36.37 5.69 42.83
N TYR C 87 -36.19 4.35 42.96
CA TYR C 87 -34.86 3.75 43.17
C TYR C 87 -34.50 2.88 42.00
N ASN C 88 -33.35 3.14 41.42
CA ASN C 88 -32.91 2.34 40.29
C ASN C 88 -31.58 1.65 40.61
N VAL C 89 -31.54 0.34 40.48
CA VAL C 89 -30.31 -0.39 40.71
C VAL C 89 -30.09 -1.12 39.40
N VAL C 90 -29.01 -0.75 38.73
CA VAL C 90 -28.68 -1.30 37.42
C VAL C 90 -27.53 -2.32 37.47
N LEU C 91 -27.79 -3.51 36.91
CA LEU C 91 -26.83 -4.60 36.87
C LEU C 91 -26.01 -4.55 35.59
N MET C 92 -24.69 -4.46 35.74
CA MET C 92 -23.75 -4.41 34.61
C MET C 92 -22.72 -5.51 34.75
N LYS C 93 -22.66 -6.42 33.78
CA LYS C 93 -21.71 -7.55 33.83
C LYS C 93 -20.50 -7.32 32.93
N TYR C 94 -19.33 -7.26 33.55
CA TYR C 94 -18.08 -7.06 32.81
C TYR C 94 -18.03 -8.04 31.65
N ASP C 95 -17.97 -7.50 30.43
CA ASP C 95 -17.90 -8.36 29.27
C ASP C 95 -16.73 -7.90 28.41
N ALA C 96 -15.64 -8.65 28.49
CA ALA C 96 -14.44 -8.32 27.74
C ALA C 96 -14.56 -8.57 26.24
N THR C 97 -15.60 -9.31 25.84
CA THR C 97 -15.81 -9.63 24.42
C THR C 97 -16.69 -8.62 23.69
N LEU C 98 -16.61 -7.36 24.10
CA LEU C 98 -17.40 -6.31 23.49
C LEU C 98 -16.50 -5.08 23.40
N GLN C 99 -15.37 -5.15 24.09
CA GLN C 99 -14.36 -4.11 24.13
C GLN C 99 -14.79 -2.74 24.66
N LEU C 100 -15.85 -2.69 25.47
CA LEU C 100 -16.31 -1.43 26.05
C LEU C 100 -15.65 -1.23 27.42
N ASP C 101 -15.28 0.01 27.75
CA ASP C 101 -14.66 0.27 29.05
C ASP C 101 -15.73 0.38 30.15
N MET C 102 -15.57 -0.39 31.23
CA MET C 102 -16.55 -0.32 32.32
C MET C 102 -16.61 1.09 32.88
N SER C 103 -15.43 1.71 33.03
CA SER C 103 -15.33 3.07 33.55
C SER C 103 -16.15 4.03 32.70
N GLU C 104 -15.97 3.97 31.38
CA GLU C 104 -16.71 4.85 30.49
C GLU C 104 -18.22 4.62 30.67
N LEU C 105 -18.62 3.37 30.82
CA LEU C 105 -20.04 3.06 30.99
C LEU C 105 -20.56 3.54 32.35
N ALA C 106 -19.75 3.42 33.38
CA ALA C 106 -20.14 3.86 34.71
C ALA C 106 -20.34 5.36 34.67
N ASP C 107 -19.33 6.05 34.12
CA ASP C 107 -19.33 7.52 34.00
C ASP C 107 -20.63 8.02 33.34
N LEU C 108 -21.20 7.21 32.46
CA LEU C 108 -22.42 7.60 31.79
C LEU C 108 -23.69 7.35 32.63
N ILE C 109 -23.81 6.17 33.23
CA ILE C 109 -25.01 5.87 34.03
C ILE C 109 -25.06 6.62 35.34
N LEU C 110 -23.97 6.54 36.09
CA LEU C 110 -23.85 7.18 37.39
C LEU C 110 -24.01 8.70 37.36
N ASN C 111 -23.87 9.30 36.20
CA ASN C 111 -23.96 10.75 36.07
C ASN C 111 -25.09 11.25 35.20
N GLU C 112 -25.35 12.55 35.36
CA GLU C 112 -26.39 13.26 34.63
C GLU C 112 -25.77 13.94 33.40
N TRP C 113 -26.01 13.42 32.21
CA TRP C 113 -25.43 14.06 31.02
C TRP C 113 -26.51 14.74 30.21
N LEU C 114 -26.11 15.72 29.41
CA LEU C 114 -27.05 16.45 28.57
C LEU C 114 -26.40 16.71 27.22
N CYS C 115 -26.77 15.90 26.24
CA CYS C 115 -26.18 16.01 24.91
C CYS C 115 -27.00 16.72 23.84
N ASN C 116 -26.30 17.20 22.83
CA ASN C 116 -26.85 17.88 21.66
C ASN C 116 -26.17 17.21 20.50
N PRO C 117 -26.72 17.33 19.30
CA PRO C 117 -26.10 16.70 18.12
C PRO C 117 -25.04 17.59 17.48
N MET C 118 -24.04 16.97 16.88
CA MET C 118 -22.94 17.69 16.23
C MET C 118 -22.90 17.42 14.73
N ASP C 119 -22.69 18.45 13.93
CA ASP C 119 -22.60 18.24 12.50
C ASP C 119 -21.14 18.41 12.09
N ILE C 120 -20.43 17.30 12.12
CA ILE C 120 -19.02 17.27 11.77
C ILE C 120 -18.74 17.86 10.39
N THR C 121 -19.71 17.74 9.49
CA THR C 121 -19.61 18.23 8.12
C THR C 121 -19.49 19.74 7.96
N LEU C 122 -20.49 20.47 8.44
CA LEU C 122 -20.52 21.91 8.30
C LEU C 122 -19.86 22.73 9.42
N TYR C 123 -19.78 22.21 10.63
CA TYR C 123 -19.21 23.01 11.72
C TYR C 123 -17.98 22.43 12.39
N TYR C 124 -17.24 23.31 13.07
CA TYR C 124 -16.07 22.89 13.83
C TYR C 124 -16.49 23.07 15.28
N TYR C 125 -15.83 22.41 16.23
CA TYR C 125 -16.26 22.57 17.62
C TYR C 125 -15.13 22.74 18.62
N GLN C 126 -15.51 23.08 19.84
CA GLN C 126 -14.57 23.26 20.94
C GLN C 126 -15.32 22.92 22.24
N GLN C 127 -14.62 22.33 23.19
CA GLN C 127 -15.24 21.98 24.46
C GLN C 127 -15.04 23.20 25.33
N THR C 128 -15.97 23.45 26.24
CA THR C 128 -15.89 24.62 27.09
C THR C 128 -15.26 24.52 28.48
N ASP C 129 -15.67 23.53 29.27
CA ASP C 129 -15.17 23.35 30.63
C ASP C 129 -14.80 21.90 30.94
N GLU C 130 -14.37 21.64 32.16
CA GLU C 130 -14.01 20.27 32.52
C GLU C 130 -15.23 19.35 32.42
N ALA C 131 -16.37 19.90 32.01
CA ALA C 131 -17.58 19.10 31.90
C ALA C 131 -18.18 18.99 30.52
N ASN C 132 -17.50 19.55 29.54
CA ASN C 132 -17.99 19.47 28.17
C ASN C 132 -17.12 18.41 27.48
N LYS C 133 -17.73 17.27 27.16
CA LYS C 133 -17.01 16.16 26.52
C LYS C 133 -17.73 15.69 25.26
N TRP C 134 -17.02 15.02 24.36
CA TRP C 134 -17.68 14.52 23.15
C TRP C 134 -17.89 13.01 23.23
N ILE C 135 -19.12 12.60 23.49
CA ILE C 135 -19.43 11.18 23.58
C ILE C 135 -20.00 10.65 22.27
N SER C 136 -19.21 9.80 21.63
CA SER C 136 -19.57 9.19 20.36
C SER C 136 -19.67 7.68 20.56
N MET C 137 -20.59 7.02 19.85
CA MET C 137 -20.76 5.55 19.97
C MET C 137 -21.48 4.91 18.76
N GLY C 138 -21.13 3.66 18.46
CA GLY C 138 -21.75 2.97 17.34
C GLY C 138 -21.00 1.72 16.92
N SER C 139 -21.22 1.28 15.67
CA SER C 139 -20.58 0.09 15.11
C SER C 139 -19.06 0.18 15.26
N SER C 140 -18.49 1.15 14.58
CA SER C 140 -17.05 1.36 14.60
C SER C 140 -16.76 2.85 14.64
N CYS C 141 -16.39 3.35 15.82
CA CYS C 141 -16.11 4.75 15.97
C CYS C 141 -14.63 5.14 15.78
N THR C 142 -14.32 5.82 14.69
CA THR C 142 -12.94 6.26 14.42
C THR C 142 -12.89 7.79 14.27
N ILE C 143 -12.36 8.46 15.29
CA ILE C 143 -12.27 9.92 15.33
C ILE C 143 -10.89 10.55 15.15
N LYS C 144 -10.73 11.38 14.13
CA LYS C 144 -9.48 12.08 13.86
C LYS C 144 -9.77 13.57 14.10
N VAL C 145 -8.84 14.28 14.72
CA VAL C 145 -9.07 15.68 15.04
C VAL C 145 -8.01 16.63 14.49
N CYS C 146 -8.40 17.88 14.25
CA CYS C 146 -7.48 18.92 13.78
C CYS C 146 -7.74 20.28 14.44
N PRO C 147 -6.92 20.64 15.43
CA PRO C 147 -6.98 21.90 16.18
C PRO C 147 -6.81 23.13 15.30
N LEU C 148 -7.68 24.11 15.51
CA LEU C 148 -7.63 25.33 14.72
C LEU C 148 -7.12 26.51 15.52
N ASN C 149 -6.29 27.33 14.89
CA ASN C 149 -5.79 28.52 15.56
C ASN C 149 -6.93 29.52 15.32
N THR C 150 -6.81 30.72 15.85
CA THR C 150 -7.87 31.73 15.71
C THR C 150 -8.14 32.23 14.30
N GLN C 151 -7.80 31.44 13.29
CA GLN C 151 -8.00 31.85 11.89
C GLN C 151 -8.77 30.80 11.11
N THR C 152 -9.04 29.65 11.76
CA THR C 152 -9.69 28.53 11.11
C THR C 152 -8.63 27.77 10.29
N LEU C 153 -7.38 27.91 10.72
CA LEU C 153 -6.26 27.24 10.07
C LEU C 153 -5.75 26.11 10.95
N GLY C 154 -5.23 25.05 10.34
CA GLY C 154 -4.74 23.95 11.13
C GLY C 154 -3.52 24.28 11.95
N ILE C 155 -3.25 23.47 12.96
CA ILE C 155 -2.07 23.61 13.81
C ILE C 155 -1.51 22.20 13.82
N GLY C 156 -0.61 21.94 12.89
CA GLY C 156 -0.05 20.60 12.79
C GLY C 156 -0.91 19.81 11.83
N CYS C 157 -1.77 20.52 11.09
CA CYS C 157 -2.65 19.89 10.13
C CYS C 157 -3.23 20.85 9.08
N LEU C 158 -3.68 20.26 7.98
CA LEU C 158 -4.30 21.03 6.91
C LEU C 158 -5.78 20.69 6.94
N THR C 159 -6.59 21.66 7.30
CA THR C 159 -8.02 21.45 7.37
C THR C 159 -8.55 20.85 6.07
N THR C 160 -7.68 20.64 5.09
CA THR C 160 -8.08 20.09 3.81
C THR C 160 -7.85 18.59 3.61
N ASP C 161 -6.74 18.06 4.12
CA ASP C 161 -6.41 16.63 3.98
C ASP C 161 -6.37 15.93 5.34
N THR C 162 -7.36 15.08 5.58
CA THR C 162 -7.49 14.33 6.83
C THR C 162 -6.36 13.34 7.09
N ALA C 163 -5.39 13.30 6.18
CA ALA C 163 -4.27 12.41 6.36
C ALA C 163 -3.29 13.09 7.31
N THR C 164 -3.55 14.35 7.62
CA THR C 164 -2.70 15.11 8.52
C THR C 164 -3.36 15.29 9.88
N PHE C 165 -4.58 14.79 10.02
CA PHE C 165 -5.31 14.90 11.27
C PHE C 165 -4.66 14.08 12.36
N GLU C 166 -5.15 14.21 13.58
CA GLU C 166 -4.59 13.46 14.70
C GLU C 166 -5.65 12.45 15.13
N GLU C 167 -5.34 11.16 15.02
CA GLU C 167 -6.28 10.11 15.38
C GLU C 167 -6.33 9.92 16.89
N VAL C 168 -7.54 10.00 17.47
CA VAL C 168 -7.74 9.86 18.92
C VAL C 168 -8.69 8.73 19.33
N ALA C 169 -9.03 7.87 18.37
CA ALA C 169 -9.94 6.76 18.61
C ALA C 169 -9.96 5.89 17.37
N THR C 170 -9.58 4.62 17.50
CA THR C 170 -9.56 3.76 16.33
C THR C 170 -10.55 2.61 16.43
N ALA C 171 -11.75 2.85 15.90
CA ALA C 171 -12.81 1.84 15.90
C ALA C 171 -13.33 1.35 17.24
N GLU C 172 -13.79 2.26 18.10
CA GLU C 172 -14.33 1.86 19.39
C GLU C 172 -15.85 1.84 19.25
N LYS C 173 -16.48 1.21 20.26
CA LYS C 173 -17.94 1.02 20.36
C LYS C 173 -18.58 2.09 21.22
N LEU C 174 -17.78 2.76 22.06
CA LEU C 174 -18.14 3.84 22.97
C LEU C 174 -16.88 4.64 23.23
N VAL C 175 -16.95 5.96 23.02
CA VAL C 175 -15.80 6.84 23.21
C VAL C 175 -16.14 8.21 23.77
N ILE C 176 -15.49 8.58 24.87
CA ILE C 176 -15.68 9.90 25.46
C ILE C 176 -14.37 10.64 25.18
N THR C 177 -14.39 11.48 24.15
CA THR C 177 -13.21 12.23 23.71
C THR C 177 -13.04 13.55 24.44
N ASP C 178 -11.78 13.86 24.74
CA ASP C 178 -11.45 15.07 25.47
C ASP C 178 -10.33 15.81 24.74
N VAL C 179 -10.56 17.09 24.45
CA VAL C 179 -9.56 17.94 23.78
C VAL C 179 -9.25 19.15 24.63
N VAL C 180 -8.11 19.80 24.34
CA VAL C 180 -7.71 20.98 25.10
C VAL C 180 -8.86 22.01 25.06
N ASP C 181 -9.41 22.30 26.23
CA ASP C 181 -10.51 23.24 26.37
C ASP C 181 -10.27 24.61 25.75
N GLY C 182 -11.30 25.12 25.07
CA GLY C 182 -11.23 26.43 24.45
C GLY C 182 -10.45 26.49 23.15
N VAL C 183 -10.56 25.47 22.33
CA VAL C 183 -9.85 25.44 21.04
C VAL C 183 -10.77 24.82 20.01
N ASN C 184 -10.88 25.44 18.84
CA ASN C 184 -11.75 24.86 17.83
C ASN C 184 -11.06 23.73 17.12
N HIS C 185 -11.84 22.74 16.71
CA HIS C 185 -11.31 21.57 16.02
C HIS C 185 -12.15 21.12 14.84
N LYS C 186 -11.51 20.88 13.63
CA LYS C 186 -12.29 20.31 12.52
C LYS C 186 -12.29 18.84 12.85
N LEU C 187 -13.46 18.22 12.87
CA LEU C 187 -13.55 16.83 13.29
C LEU C 187 -13.76 15.93 12.11
N ASP C 188 -13.21 14.73 12.17
CA ASP C 188 -13.41 13.77 11.11
C ASP C 188 -13.79 12.42 11.67
N VAL C 189 -15.08 12.22 11.89
CA VAL C 189 -15.53 10.95 12.41
C VAL C 189 -16.01 10.12 11.22
N THR C 190 -16.19 8.83 11.44
CA THR C 190 -16.66 7.93 10.39
C THR C 190 -18.15 7.78 10.61
N THR C 191 -18.88 8.90 10.48
CA THR C 191 -20.32 8.98 10.70
C THR C 191 -21.15 7.86 10.11
N ALA C 192 -20.59 7.12 9.17
CA ALA C 192 -21.30 6.00 8.55
C ALA C 192 -21.67 4.97 9.62
N THR C 193 -20.67 4.57 10.38
CA THR C 193 -20.83 3.65 11.49
C THR C 193 -20.81 4.39 12.87
N CYS C 194 -20.54 5.66 12.94
CA CYS C 194 -20.52 6.30 14.24
C CYS C 194 -21.47 7.50 14.34
N THR C 195 -21.75 7.80 15.62
CA THR C 195 -22.58 8.99 15.88
C THR C 195 -21.81 9.78 16.93
N ILE C 196 -21.49 11.06 16.73
CA ILE C 196 -20.77 11.81 17.78
C ILE C 196 -21.67 12.98 18.20
N ARG C 197 -21.82 13.09 19.61
CA ARG C 197 -22.69 14.12 20.15
C ARG C 197 -21.94 14.91 21.24
N ASN C 198 -22.27 16.19 21.34
CA ASN C 198 -21.64 17.09 22.30
C ASN C 198 -22.35 17.12 23.66
N CYS C 199 -21.75 16.46 24.67
CA CYS C 199 -22.36 16.39 25.99
C CYS C 199 -21.74 17.21 27.14
N LYS C 200 -22.62 17.71 28.00
CA LYS C 200 -22.25 18.48 29.20
C LYS C 200 -22.61 17.57 30.36
N LYS C 201 -21.70 17.37 31.32
CA LYS C 201 -22.02 16.51 32.46
C LYS C 201 -22.43 17.42 33.61
N LEU C 202 -23.70 17.44 33.99
CA LEU C 202 -24.15 18.41 35.00
C LEU C 202 -24.04 17.96 36.45
N GLY C 203 -23.82 16.68 36.69
CA GLY C 203 -23.67 16.23 38.05
C GLY C 203 -23.88 14.77 38.25
N PRO C 204 -24.31 14.41 39.49
CA PRO C 204 -24.61 12.99 39.85
C PRO C 204 -26.08 12.63 39.95
N ARG C 205 -26.34 11.38 39.64
CA ARG C 205 -27.70 10.88 39.71
C ARG C 205 -27.86 10.09 41.04
N GLU C 206 -28.71 10.53 41.97
CA GLU C 206 -28.98 9.89 43.27
C GLU C 206 -29.89 8.63 43.21
N ASN C 207 -30.83 8.59 42.24
CA ASN C 207 -31.79 7.43 42.13
C ASN C 207 -31.28 6.21 41.45
N VAL C 208 -29.99 6.17 41.24
CA VAL C 208 -29.38 5.02 40.59
C VAL C 208 -28.25 4.43 41.34
N ALA C 209 -27.90 3.20 40.96
CA ALA C 209 -26.76 2.52 41.55
C ALA C 209 -26.20 1.60 40.52
N VAL C 210 -24.90 1.36 40.62
CA VAL C 210 -24.32 0.42 39.70
C VAL C 210 -23.88 -0.81 40.44
N ILE C 211 -24.35 -1.97 40.06
CA ILE C 211 -23.81 -3.13 40.67
C ILE C 211 -23.10 -3.87 39.57
N GLN C 212 -21.79 -3.97 39.67
CA GLN C 212 -21.00 -4.63 38.64
C GLN C 212 -20.78 -6.11 38.98
N VAL C 213 -20.86 -6.99 37.99
CA VAL C 213 -20.65 -8.42 38.20
C VAL C 213 -19.44 -8.92 37.42
N GLY C 214 -18.41 -9.36 38.13
CA GLY C 214 -17.19 -9.84 37.49
C GLY C 214 -16.08 -8.80 37.40
N GLY C 215 -14.88 -9.24 37.00
CA GLY C 215 -13.74 -8.35 36.88
C GLY C 215 -13.40 -7.53 38.10
N SER C 216 -12.28 -7.84 38.74
CA SER C 216 -11.85 -7.12 39.94
C SER C 216 -11.82 -5.62 39.64
N ASP C 217 -11.50 -5.31 38.39
CA ASP C 217 -11.42 -3.96 37.86
C ASP C 217 -11.87 -2.81 38.77
N VAL C 218 -11.00 -1.83 38.99
CA VAL C 218 -11.33 -0.64 39.80
C VAL C 218 -11.76 0.41 38.77
N LEU C 219 -12.81 1.17 39.06
CA LEU C 219 -13.31 2.14 38.08
C LEU C 219 -12.84 3.59 38.19
N ASP C 220 -12.23 4.10 37.12
CA ASP C 220 -11.80 5.51 37.06
C ASP C 220 -12.89 6.20 36.26
N ILE C 221 -13.85 6.81 36.96
CA ILE C 221 -14.92 7.51 36.28
C ILE C 221 -14.65 9.03 36.20
N THR C 222 -13.38 9.52 36.35
CA THR C 222 -13.07 10.98 36.19
C THR C 222 -12.30 11.14 34.91
N ALA C 223 -12.66 12.15 34.13
CA ALA C 223 -11.84 12.43 32.99
C ALA C 223 -10.44 12.83 33.42
N ASP C 224 -10.41 13.39 34.58
CA ASP C 224 -9.21 13.90 35.24
C ASP C 224 -8.30 12.83 35.78
N PRO C 225 -7.05 12.85 35.29
CA PRO C 225 -6.14 11.85 35.77
C PRO C 225 -5.86 12.01 37.25
N THR C 226 -6.12 13.19 37.78
CA THR C 226 -5.76 13.43 39.18
C THR C 226 -6.62 12.75 40.22
N THR C 227 -7.89 12.75 39.98
CA THR C 227 -8.88 12.23 40.95
C THR C 227 -9.44 10.85 40.58
N ALA C 228 -9.82 10.15 41.61
CA ALA C 228 -10.52 8.90 41.45
C ALA C 228 -11.62 8.81 42.49
N PRO C 229 -12.91 8.99 42.12
CA PRO C 229 -13.97 8.89 43.10
C PRO C 229 -14.73 7.57 43.02
N GLN C 230 -14.79 7.08 44.26
CA GLN C 230 -15.40 5.86 44.72
C GLN C 230 -16.58 6.23 45.60
N THR C 231 -17.79 6.00 45.08
CA THR C 231 -19.01 6.31 45.82
C THR C 231 -19.73 5.06 46.30
N GLU C 232 -20.69 5.21 47.20
CA GLU C 232 -21.47 4.10 47.75
C GLU C 232 -22.42 3.55 46.69
N ARG C 233 -22.88 4.43 45.78
CA ARG C 233 -23.79 4.03 44.70
C ARG C 233 -23.04 3.34 43.55
N MET C 234 -21.92 2.74 43.91
CA MET C 234 -21.06 2.03 42.94
C MET C 234 -20.64 0.71 43.62
N MET C 235 -21.50 -0.31 43.57
CA MET C 235 -21.25 -1.59 44.21
C MET C 235 -20.73 -2.68 43.29
N ARG C 236 -19.86 -3.86 43.86
CA ARG C 236 -19.13 -5.19 43.17
C ARG C 236 -19.71 -6.56 43.61
N ILE C 237 -20.44 -7.23 42.74
CA ILE C 237 -20.83 -8.60 43.09
C ILE C 237 -20.01 -9.64 42.34
N ASN C 238 -19.68 -10.74 43.01
CA ASN C 238 -18.89 -11.82 42.40
C ASN C 238 -19.79 -12.79 41.63
N TRP C 239 -19.56 -12.85 40.33
CA TRP C 239 -20.33 -13.70 39.43
C TRP C 239 -20.22 -15.20 39.64
N LYS C 240 -21.34 -15.86 39.58
CA LYS C 240 -21.31 -17.31 39.63
C LYS C 240 -22.43 -17.72 38.66
N LYS C 241 -23.70 -17.38 38.94
CA LYS C 241 -24.80 -17.62 38.03
C LYS C 241 -25.72 -16.42 38.19
N TRP C 242 -26.54 -16.14 37.19
CA TRP C 242 -27.44 -15.01 37.30
C TRP C 242 -28.49 -15.19 38.37
N TRP C 243 -29.02 -16.40 38.55
CA TRP C 243 -30.00 -16.58 39.59
C TRP C 243 -29.44 -16.14 40.93
N GLN C 244 -28.16 -16.46 41.16
CA GLN C 244 -27.49 -16.10 42.41
C GLN C 244 -27.41 -14.58 42.55
N VAL C 245 -27.06 -13.89 41.47
CA VAL C 245 -26.96 -12.44 41.48
C VAL C 245 -28.27 -11.85 42.00
N PHE C 246 -29.38 -12.22 41.36
CA PHE C 246 -30.67 -11.71 41.77
C PHE C 246 -31.01 -12.09 43.19
N TYR C 247 -30.73 -13.32 43.60
CA TYR C 247 -31.03 -13.70 44.98
C TYR C 247 -30.34 -12.72 45.91
N THR C 248 -29.06 -12.44 45.66
CA THR C 248 -28.32 -11.50 46.50
C THR C 248 -28.91 -10.11 46.46
N VAL C 249 -29.23 -9.62 45.27
CA VAL C 249 -29.83 -8.30 45.14
C VAL C 249 -31.08 -8.24 46.02
N VAL C 250 -31.88 -9.30 46.00
CA VAL C 250 -33.10 -9.36 46.82
C VAL C 250 -32.71 -9.50 48.30
N ASP C 251 -31.87 -10.48 48.62
CA ASP C 251 -31.50 -10.68 50.02
C ASP C 251 -30.91 -9.42 50.71
N TYR C 252 -30.44 -8.45 49.88
CA TYR C 252 -29.80 -7.19 50.36
C TYR C 252 -30.33 -5.91 49.72
N VAL C 253 -31.63 -5.94 49.40
CA VAL C 253 -32.31 -4.80 48.82
C VAL C 253 -32.18 -3.53 49.64
N ASN C 254 -32.43 -3.65 50.93
CA ASN C 254 -32.41 -2.51 51.81
C ASN C 254 -31.00 -1.94 51.95
N GLN C 255 -30.04 -2.80 52.03
CA GLN C 255 -28.67 -2.42 52.15
C GLN C 255 -28.29 -1.60 50.92
N ILE C 256 -28.73 -2.09 49.75
CA ILE C 256 -28.49 -1.42 48.48
C ILE C 256 -29.28 -0.12 48.39
N ILE C 257 -30.53 -0.13 48.84
CA ILE C 257 -31.36 1.06 48.82
C ILE C 257 -30.77 2.11 49.76
N GLN C 258 -30.34 1.67 50.94
CA GLN C 258 -29.78 2.57 51.93
C GLN C 258 -28.53 3.29 51.43
N ALA C 259 -27.81 2.67 50.50
CA ALA C 259 -26.60 3.27 49.94
C ALA C 259 -26.93 4.35 48.92
N MET C 260 -28.18 4.36 48.45
CA MET C 260 -28.60 5.36 47.48
C MET C 260 -29.21 6.54 48.22
N SER C 261 -30.11 6.23 49.16
CA SER C 261 -30.78 7.26 49.95
C SER C 261 -29.78 7.87 50.92
N LYS C 262 -28.55 7.32 50.97
CA LYS C 262 -27.53 7.81 51.94
C LYS C 262 -26.52 8.72 51.27
#